data_7SUT
#
_entry.id   7SUT
#
_cell.length_a   54.032
_cell.length_b   80.983
_cell.length_c   115.837
_cell.angle_alpha   90.000
_cell.angle_beta   92.214
_cell.angle_gamma   90.000
#
_symmetry.space_group_name_H-M   'P 1 21 1'
#
loop_
_entity.id
_entity.type
_entity.pdbx_description
1 polymer 'HaPE645 alpha-1 subunit'
2 polymer 'Phycoerythrin550 beta subunit'
3 polymer 'HaPE645 alpha-2 subunit'
4 non-polymer '(15,16)-DIHYDROBILIVERDIN (SINGLY LINKED)'
5 non-polymer 'TETRAETHYLENE GLYCOL'
6 non-polymer 'CHLORIDE ION'
7 non-polymer DiCys-(15,16)-Dihydrobiliverdin
8 non-polymer PHYCOERYTHROBILIN
9 non-polymer 2-[BIS-(2-HYDROXY-ETHYL)-AMINO]-2-HYDROXYMETHYL-PROPANE-1,3-DIOL
10 non-polymer PHYCOCYANOBILIN
11 water water
#
loop_
_entity_poly.entity_id
_entity_poly.type
_entity_poly.pdbx_seq_one_letter_code
_entity_poly.pdbx_strand_id
1 'polypeptide(L)' ETFDGLAPYVETFNNRGCEFPKSGYEGPASNDDNDEMCVKVSMLRVKVSQSYAAKQIQQFSGFKESGIDVKQISNVKKIY A,E
2 'polypeptide(L)'
;MLDAFSKVITSADGKAAYVGGADLQALKKFVSEGNKRMDSVNAIVSNASCIVSDSVSGMVCENPSLIAPNGGVYTNRKMA
ACLRDAEIILRYVSYSLLSGDSSVLEDRCLNGLKETYASLGVPAAGNARTISIMKATVIGFITNNSQQKKLSTPAGDCSA
LASEVGGYFDKVSSALA
;
B,D,F,H
3 'polypeptide(L)' KTDNKLRAPIITVFDARGCREHKNREYKGPKTGTQDDEMCVKVQYEKIAACEDTAFIVLKECLSEMKS C,G
#
# COMPACT_ATOMS: atom_id res chain seq x y z
N PHE A 3 0.67 -6.53 -24.24
CA PHE A 3 1.21 -5.16 -24.20
C PHE A 3 0.35 -4.27 -25.09
N ASP A 4 -0.17 -3.19 -24.50
CA ASP A 4 -1.11 -2.30 -25.20
C ASP A 4 -0.61 -0.86 -25.34
N GLY A 5 0.64 -0.57 -24.99
CA GLY A 5 1.14 0.80 -25.06
C GLY A 5 0.55 1.78 -24.05
N LEU A 6 -0.21 1.31 -23.07
CA LEU A 6 -0.84 2.20 -22.09
C LEU A 6 0.07 2.39 -20.88
N ALA A 7 0.09 3.61 -20.36
CA ALA A 7 0.87 3.94 -19.19
C ALA A 7 0.15 4.96 -18.33
N PRO A 8 0.44 4.99 -17.02
CA PRO A 8 -0.24 5.94 -16.15
C PRO A 8 0.38 7.32 -16.28
N TYR A 9 -0.44 8.29 -16.64
CA TYR A 9 -0.08 9.69 -16.65
C TYR A 9 -0.47 10.28 -15.29
N VAL A 10 0.53 10.67 -14.52
CA VAL A 10 0.32 11.28 -13.22
C VAL A 10 0.55 12.77 -13.39
N GLU A 11 -0.35 13.59 -12.85
CA GLU A 11 -0.32 15.05 -12.96
C GLU A 11 -0.44 15.61 -11.57
N THR A 12 0.44 16.54 -11.23
CA THR A 12 0.53 17.13 -9.89
C THR A 12 0.23 18.62 -9.99
N PHE A 13 -0.96 19.02 -9.55
CA PHE A 13 -1.39 20.39 -9.63
C PHE A 13 -1.25 21.02 -8.26
N ASN A 14 -0.19 21.80 -8.07
CA ASN A 14 0.02 22.55 -6.82
C ASN A 14 -0.31 23.99 -7.14
N ASN A 15 -1.59 24.37 -6.95
CA ASN A 15 -2.13 25.59 -7.55
C ASN A 15 -2.68 26.57 -6.49
N ARG A 16 -1.98 26.78 -5.39
CA ARG A 16 -2.40 27.82 -4.47
C ARG A 16 -2.31 29.17 -5.16
N GLY A 17 -3.34 29.98 -4.99
CA GLY A 17 -3.38 31.28 -5.59
C GLY A 17 -3.84 31.33 -7.03
N CYS A 18 -4.23 30.21 -7.62
CA CYS A 18 -4.62 30.16 -9.02
C CYS A 18 -6.11 30.48 -9.14
N GLU A 19 -6.43 31.57 -9.81
CA GLU A 19 -7.83 31.94 -10.09
C GLU A 19 -8.24 31.34 -11.44
N PHE A 20 -8.42 30.03 -11.41
CA PHE A 20 -8.88 29.25 -12.56
C PHE A 20 -9.91 28.26 -11.98
N PRO A 21 -11.04 28.05 -12.67
CA PRO A 21 -12.06 27.14 -12.12
C PRO A 21 -11.50 25.75 -11.85
N LYS A 22 -11.95 25.15 -10.74
CA LYS A 22 -11.53 23.82 -10.36
C LYS A 22 -12.45 22.78 -10.94
N SER A 23 -11.89 21.88 -11.73
N SER A 23 -11.87 21.89 -11.75
CA SER A 23 -12.65 20.78 -12.28
CA SER A 23 -12.54 20.76 -12.35
C SER A 23 -11.86 19.49 -12.08
C SER A 23 -11.84 19.49 -11.89
N GLY A 24 -12.58 18.40 -11.80
CA GLY A 24 -11.96 17.11 -11.60
C GLY A 24 -12.31 16.54 -10.25
N TYR A 25 -11.71 17.09 -9.20
CA TYR A 25 -11.94 16.56 -7.86
C TYR A 25 -13.39 16.80 -7.41
N GLU A 26 -14.03 15.76 -6.86
CA GLU A 26 -15.41 15.84 -6.45
C GLU A 26 -15.67 15.41 -5.01
N GLY A 27 -14.64 15.33 -4.19
CA GLY A 27 -14.80 14.95 -2.81
C GLY A 27 -14.83 16.09 -1.81
N PRO A 28 -14.71 15.76 -0.53
CA PRO A 28 -14.84 16.78 0.51
C PRO A 28 -13.66 17.74 0.53
N ALA A 29 -13.95 18.93 1.08
CA ALA A 29 -12.91 19.94 1.24
C ALA A 29 -12.14 19.68 2.53
N SER A 30 -10.87 20.10 2.53
CA SER A 30 -10.02 20.03 3.70
C SER A 30 -10.02 21.31 4.53
N ASN A 31 -10.52 22.41 3.97
CA ASN A 31 -10.46 23.72 4.62
C ASN A 31 -9.02 24.12 4.90
N ASP A 32 -8.10 23.70 4.03
CA ASP A 32 -6.73 24.16 4.04
C ASP A 32 -6.20 24.20 2.61
N ASP A 33 -4.87 24.34 2.49
CA ASP A 33 -4.24 24.52 1.19
C ASP A 33 -4.47 23.36 0.24
N ASN A 34 -4.77 22.16 0.77
CA ASN A 34 -5.05 21.05 -0.12
C ASN A 34 -6.25 21.30 -1.01
N ASP A 35 -7.13 22.24 -0.65
CA ASP A 35 -8.25 22.60 -1.52
C ASP A 35 -7.80 23.27 -2.80
N GLU A 36 -6.52 23.64 -2.91
N GLU A 36 -6.53 23.64 -2.92
CA GLU A 36 -5.92 24.24 -4.09
CA GLU A 36 -5.98 24.24 -4.13
C GLU A 36 -4.82 23.34 -4.67
C GLU A 36 -4.98 23.31 -4.82
N MET A 37 -4.95 22.03 -4.46
N MET A 37 -4.86 22.06 -4.36
CA MET A 37 -3.97 21.08 -4.96
CA MET A 37 -3.96 21.07 -4.94
C MET A 37 -4.67 19.79 -5.30
C MET A 37 -4.74 19.84 -5.38
N CYS A 38 -4.19 19.13 -6.36
CA CYS A 38 -4.84 17.93 -6.84
C CYS A 38 -3.85 17.06 -7.57
N VAL A 39 -3.99 15.74 -7.40
CA VAL A 39 -3.30 14.76 -8.23
C VAL A 39 -4.30 14.11 -9.17
N LYS A 40 -3.93 13.98 -10.44
CA LYS A 40 -4.77 13.35 -11.47
C LYS A 40 -4.00 12.15 -12.02
N VAL A 41 -4.68 11.04 -12.22
CA VAL A 41 -4.10 9.84 -12.83
C VAL A 41 -5.04 9.34 -13.91
N SER A 42 -4.50 9.03 -15.08
CA SER A 42 -5.26 8.41 -16.16
C SER A 42 -4.31 7.49 -16.92
N MET A 43 -4.89 6.59 -17.71
N MET A 43 -4.89 6.47 -17.56
CA MET A 43 -4.17 5.51 -18.38
CA MET A 43 -4.14 5.56 -18.39
C MET A 43 -4.31 5.73 -19.89
C MET A 43 -4.35 6.02 -19.82
N LEU A 44 -3.23 6.20 -20.54
CA LEU A 44 -3.28 6.70 -21.90
C LEU A 44 -2.21 5.95 -22.69
N ARG A 45 -2.46 5.83 -24.00
N ARG A 45 -2.41 5.87 -24.01
CA ARG A 45 -1.46 5.23 -24.89
CA ARG A 45 -1.47 5.21 -24.90
C ARG A 45 -0.34 6.25 -25.11
C ARG A 45 -0.34 6.17 -25.25
N VAL A 46 0.88 5.82 -24.88
CA VAL A 46 2.02 6.68 -25.12
C VAL A 46 2.37 6.55 -26.60
N LYS A 47 2.49 7.68 -27.29
CA LYS A 47 2.81 7.70 -28.71
C LYS A 47 3.99 8.60 -28.94
N VAL A 48 4.85 8.18 -29.86
CA VAL A 48 5.94 9.02 -30.34
C VAL A 48 5.86 9.00 -31.86
N SER A 49 5.93 10.18 -32.47
CA SER A 49 5.84 10.27 -33.92
C SER A 49 7.18 9.95 -34.58
N GLN A 50 7.09 9.44 -35.81
CA GLN A 50 8.27 9.27 -36.62
C GLN A 50 8.95 10.59 -36.89
N SER A 51 8.19 11.69 -36.96
N SER A 51 8.19 11.68 -37.02
CA SER A 51 8.82 12.99 -37.22
CA SER A 51 8.81 12.99 -37.21
C SER A 51 9.64 13.47 -36.03
C SER A 51 9.71 13.33 -36.03
N TYR A 52 9.18 13.19 -34.81
CA TYR A 52 9.96 13.55 -33.65
C TYR A 52 11.16 12.61 -33.54
N ALA A 53 10.94 11.33 -33.86
CA ALA A 53 12.03 10.38 -33.82
C ALA A 53 13.13 10.81 -34.78
N ALA A 54 12.76 11.29 -35.97
CA ALA A 54 13.77 11.74 -36.93
C ALA A 54 14.52 12.94 -36.38
N LYS A 55 13.82 13.87 -35.72
CA LYS A 55 14.51 15.00 -35.12
C LYS A 55 15.50 14.52 -34.07
N GLN A 56 15.09 13.55 -33.24
CA GLN A 56 15.97 13.03 -32.21
C GLN A 56 17.20 12.36 -32.79
N ILE A 57 17.03 11.53 -33.82
CA ILE A 57 18.18 10.91 -34.46
C ILE A 57 19.17 11.97 -34.88
N GLN A 58 18.69 13.02 -35.53
CA GLN A 58 19.59 14.08 -35.99
C GLN A 58 20.25 14.77 -34.81
N GLN A 59 19.49 15.05 -33.75
CA GLN A 59 20.04 15.76 -32.60
C GLN A 59 21.14 14.95 -31.92
N PHE A 60 21.00 13.61 -31.92
CA PHE A 60 21.96 12.73 -31.26
C PHE A 60 23.20 12.44 -32.11
N SER A 61 23.21 12.83 -33.39
N SER A 61 23.21 12.83 -33.38
CA SER A 61 24.19 12.39 -34.38
CA SER A 61 24.21 12.33 -34.32
C SER A 61 25.54 13.09 -34.29
C SER A 61 25.58 12.96 -34.14
N GLY A 62 25.71 14.03 -33.35
CA GLY A 62 27.03 14.57 -33.08
C GLY A 62 27.84 13.65 -32.18
N PHE A 63 27.15 12.83 -31.39
CA PHE A 63 27.79 11.89 -30.49
C PHE A 63 28.78 12.53 -29.51
N LYS A 64 28.60 13.82 -29.19
N LYS A 64 28.58 13.79 -29.16
CA LYS A 64 29.64 14.54 -28.48
CA LYS A 64 29.60 14.50 -28.41
C LYS A 64 29.12 15.49 -27.40
C LYS A 64 29.02 15.40 -27.32
N GLU A 65 28.06 16.25 -27.69
CA GLU A 65 27.60 17.31 -26.81
C GLU A 65 26.51 16.76 -25.89
N SER A 66 26.76 16.88 -24.60
CA SER A 66 25.78 16.56 -23.58
C SER A 66 25.02 17.83 -23.18
N GLY A 67 24.14 17.66 -22.21
CA GLY A 67 23.63 18.78 -21.45
C GLY A 67 24.70 19.30 -20.52
N ILE A 68 24.33 20.28 -19.72
CA ILE A 68 25.31 20.98 -18.89
C ILE A 68 25.58 20.20 -17.61
N ASP A 69 26.86 20.04 -17.28
CA ASP A 69 27.31 19.57 -15.98
C ASP A 69 26.87 18.11 -15.70
N VAL A 70 27.18 17.22 -16.63
CA VAL A 70 26.93 15.80 -16.47
C VAL A 70 28.17 15.02 -16.89
N LYS A 71 28.30 13.81 -16.35
N LYS A 71 28.30 13.81 -16.36
CA LYS A 71 29.36 12.90 -16.74
CA LYS A 71 29.42 12.97 -16.74
C LYS A 71 29.36 12.68 -18.25
C LYS A 71 29.38 12.64 -18.23
N GLN A 72 30.56 12.51 -18.81
CA GLN A 72 30.75 12.29 -20.24
C GLN A 72 31.04 10.81 -20.47
N ILE A 73 30.23 10.18 -21.34
CA ILE A 73 30.36 8.76 -21.60
C ILE A 73 30.48 8.44 -23.09
N SER A 74 30.61 9.47 -23.93
CA SER A 74 30.64 9.27 -25.38
C SER A 74 31.86 8.48 -25.82
N ASN A 75 31.69 7.76 -26.93
CA ASN A 75 32.74 6.97 -27.55
C ASN A 75 32.77 7.20 -29.06
N VAL A 76 33.93 6.91 -29.67
CA VAL A 76 34.05 6.90 -31.13
C VAL A 76 34.21 5.50 -31.69
N LYS A 77 34.23 4.48 -30.83
CA LYS A 77 34.33 3.09 -31.26
C LYS A 77 33.04 2.38 -30.89
N LYS A 78 32.72 1.33 -31.64
CA LYS A 78 31.55 0.52 -31.35
C LYS A 78 31.85 -0.37 -30.15
N ILE A 79 31.09 -0.19 -29.07
CA ILE A 79 31.38 -0.91 -27.83
C ILE A 79 30.51 -2.14 -27.60
N TYR A 80 29.38 -2.26 -28.30
CA TYR A 80 28.59 -3.49 -28.26
C TYR A 80 27.67 -3.54 -29.48
N ASP B 3 -10.23 0.20 -5.77
CA ASP B 3 -9.83 1.53 -5.30
C ASP B 3 -9.72 2.52 -6.48
N ALA B 4 -9.42 3.79 -6.14
CA ALA B 4 -9.61 4.89 -7.09
C ALA B 4 -8.63 4.81 -8.25
N PHE B 5 -7.35 4.54 -7.97
CA PHE B 5 -6.35 4.53 -9.03
C PHE B 5 -6.37 3.21 -9.80
N SER B 6 -6.51 2.09 -9.08
N SER B 6 -6.50 2.08 -9.09
CA SER B 6 -6.59 0.80 -9.76
CA SER B 6 -6.57 0.80 -9.80
C SER B 6 -7.78 0.75 -10.71
C SER B 6 -7.78 0.76 -10.73
N LYS B 7 -8.86 1.46 -10.38
CA LYS B 7 -10.01 1.51 -11.28
C LYS B 7 -9.62 2.14 -12.62
N VAL B 8 -8.85 3.22 -12.59
CA VAL B 8 -8.49 3.85 -13.87
C VAL B 8 -7.35 3.10 -14.54
N ILE B 9 -6.49 2.44 -13.76
CA ILE B 9 -5.41 1.67 -14.35
C ILE B 9 -5.95 0.44 -15.08
N THR B 10 -7.05 -0.14 -14.60
CA THR B 10 -7.63 -1.31 -15.26
C THR B 10 -8.67 -0.91 -16.30
N SER B 11 -9.33 0.24 -16.11
CA SER B 11 -10.20 0.77 -17.14
C SER B 11 -9.45 0.88 -18.46
N ALA B 12 -8.21 1.36 -18.40
CA ALA B 12 -7.37 1.42 -19.58
C ALA B 12 -8.13 2.09 -20.72
N ASP B 13 -8.77 3.23 -20.40
CA ASP B 13 -9.63 3.89 -21.38
C ASP B 13 -9.66 5.42 -21.19
N GLY B 14 -8.70 5.98 -20.51
CA GLY B 14 -8.62 7.42 -20.42
C GLY B 14 -9.44 8.06 -19.34
N LYS B 15 -10.33 7.33 -18.67
CA LYS B 15 -10.99 7.89 -17.49
C LYS B 15 -9.94 8.29 -16.46
N ALA B 16 -10.17 9.42 -15.79
CA ALA B 16 -9.23 9.93 -14.81
C ALA B 16 -9.75 9.85 -13.38
N ALA B 17 -8.83 9.65 -12.46
CA ALA B 17 -9.07 9.76 -11.04
C ALA B 17 -8.46 11.06 -10.56
N TYR B 18 -9.15 11.72 -9.64
CA TYR B 18 -8.71 13.00 -9.09
C TYR B 18 -8.71 12.96 -7.58
N VAL B 19 -7.57 13.31 -6.99
CA VAL B 19 -7.40 13.31 -5.53
C VAL B 19 -6.94 14.71 -5.14
N GLY B 20 -7.85 15.51 -4.56
CA GLY B 20 -7.56 16.85 -4.11
C GLY B 20 -8.19 17.04 -2.75
N GLY B 21 -8.08 18.26 -2.24
CA GLY B 21 -8.81 18.60 -1.01
C GLY B 21 -8.58 17.59 0.10
N ALA B 22 -9.68 17.17 0.76
CA ALA B 22 -9.55 16.26 1.90
C ALA B 22 -9.00 14.89 1.48
N ASP B 23 -9.34 14.42 0.28
CA ASP B 23 -8.83 13.12 -0.13
C ASP B 23 -7.32 13.17 -0.29
N LEU B 24 -6.80 14.29 -0.79
CA LEU B 24 -5.35 14.46 -0.93
C LEU B 24 -4.69 14.65 0.43
N GLN B 25 -5.31 15.42 1.30
CA GLN B 25 -4.76 15.52 2.66
C GLN B 25 -4.64 14.13 3.27
N ALA B 26 -5.67 13.29 3.07
CA ALA B 26 -5.66 11.93 3.60
C ALA B 26 -4.60 11.09 2.93
N LEU B 27 -4.51 11.14 1.59
CA LEU B 27 -3.52 10.35 0.90
C LEU B 27 -2.12 10.63 1.46
N LYS B 28 -1.81 11.91 1.71
CA LYS B 28 -0.49 12.28 2.21
C LYS B 28 -0.27 11.84 3.65
N LYS B 29 -1.31 11.46 4.38
CA LYS B 29 -1.15 10.81 5.66
C LYS B 29 -0.93 9.30 5.55
N PHE B 30 -1.35 8.69 4.45
CA PHE B 30 -1.28 7.25 4.28
C PHE B 30 -0.03 6.79 3.52
N VAL B 31 0.71 7.69 2.92
CA VAL B 31 1.98 7.35 2.30
C VAL B 31 3.07 8.08 3.08
N SER B 32 4.29 7.58 2.99
N SER B 32 4.29 7.57 2.99
CA SER B 32 5.39 8.21 3.71
CA SER B 32 5.42 8.20 3.63
C SER B 32 5.84 9.49 3.00
C SER B 32 5.72 9.54 2.96
N GLU B 33 6.03 10.55 3.78
CA GLU B 33 6.54 11.84 3.30
C GLU B 33 5.67 12.39 2.17
N GLY B 34 4.38 12.53 2.46
CA GLY B 34 3.40 12.78 1.40
C GLY B 34 3.69 13.97 0.53
N ASN B 35 3.96 15.13 1.13
CA ASN B 35 4.22 16.32 0.32
C ASN B 35 5.51 16.19 -0.49
N LYS B 36 6.60 15.75 0.15
N LYS B 36 6.60 15.76 0.15
CA LYS B 36 7.85 15.53 -0.57
CA LYS B 36 7.85 15.53 -0.58
C LYS B 36 7.68 14.51 -1.69
C LYS B 36 7.64 14.52 -1.71
N ARG B 37 6.86 13.47 -1.45
CA ARG B 37 6.59 12.46 -2.47
C ARG B 37 5.90 13.08 -3.66
N MET B 38 4.94 13.98 -3.44
CA MET B 38 4.32 14.64 -4.61
C MET B 38 5.33 15.49 -5.36
N ASP B 39 6.22 16.19 -4.63
CA ASP B 39 7.26 16.94 -5.34
C ASP B 39 8.18 16.03 -6.14
N SER B 40 8.43 14.82 -5.63
N SER B 40 8.47 14.84 -5.61
CA SER B 40 9.33 13.90 -6.35
CA SER B 40 9.31 13.90 -6.34
C SER B 40 8.67 13.31 -7.59
C SER B 40 8.64 13.44 -7.61
N VAL B 41 7.36 13.07 -7.53
CA VAL B 41 6.60 12.77 -8.73
C VAL B 41 6.63 13.95 -9.72
N ASN B 42 6.39 15.16 -9.21
CA ASN B 42 6.40 16.36 -10.06
C ASN B 42 7.70 16.46 -10.84
N ALA B 43 8.82 16.17 -10.18
CA ALA B 43 10.12 16.26 -10.81
C ALA B 43 10.27 15.29 -11.96
N ILE B 44 9.56 14.15 -11.93
CA ILE B 44 9.56 13.26 -13.09
C ILE B 44 8.63 13.80 -14.17
N VAL B 45 7.37 14.09 -13.82
CA VAL B 45 6.37 14.30 -14.86
C VAL B 45 6.55 15.64 -15.56
N SER B 46 7.07 16.66 -14.87
CA SER B 46 7.31 17.94 -15.53
C SER B 46 8.63 17.98 -16.31
N ASN B 47 9.43 16.91 -16.23
CA ASN B 47 10.66 16.79 -17.01
C ASN B 47 10.61 15.57 -17.92
N ALA B 48 9.45 15.03 -18.19
CA ALA B 48 9.38 13.73 -18.86
C ALA B 48 10.09 13.77 -20.21
N SER B 49 9.85 14.79 -21.01
CA SER B 49 10.39 14.79 -22.37
C SER B 49 11.92 14.89 -22.37
N CYS B 50 12.51 15.72 -21.49
CA CYS B 50 13.96 15.83 -21.49
C CYS B 50 14.62 14.63 -20.84
N ILE B 51 13.95 13.99 -19.85
CA ILE B 51 14.49 12.77 -19.28
C ILE B 51 14.63 11.70 -20.34
N VAL B 52 13.58 11.48 -21.12
CA VAL B 52 13.59 10.46 -22.17
C VAL B 52 14.69 10.79 -23.19
N SER B 53 14.73 12.05 -23.64
CA SER B 53 15.67 12.41 -24.70
CA SER B 53 15.67 12.42 -24.69
C SER B 53 17.10 12.26 -24.21
N ASP B 54 17.39 12.73 -23.01
CA ASP B 54 18.77 12.67 -22.53
C ASP B 54 19.22 11.23 -22.29
N SER B 55 18.29 10.37 -21.83
N SER B 55 18.30 10.37 -21.84
CA SER B 55 18.66 8.99 -21.56
CA SER B 55 18.68 8.99 -21.57
C SER B 55 18.95 8.23 -22.85
C SER B 55 18.96 8.23 -22.85
N VAL B 56 18.12 8.40 -23.88
CA VAL B 56 18.39 7.77 -25.16
C VAL B 56 19.60 8.41 -25.85
N SER B 57 19.73 9.73 -25.74
CA SER B 57 20.86 10.39 -26.36
C SER B 57 22.18 9.88 -25.76
N GLY B 58 22.23 9.70 -24.44
CA GLY B 58 23.43 9.17 -23.82
C GLY B 58 23.71 7.72 -24.18
N MET B 59 22.66 6.91 -24.27
CA MET B 59 22.83 5.56 -24.81
C MET B 59 23.52 5.63 -26.17
N VAL B 60 23.07 6.53 -27.03
CA VAL B 60 23.59 6.64 -28.39
C VAL B 60 25.02 7.24 -28.40
N CYS B 61 25.27 8.31 -27.64
CA CYS B 61 26.64 8.84 -27.72
C CYS B 61 27.66 7.84 -27.17
N GLU B 62 27.29 7.04 -26.16
CA GLU B 62 28.17 5.97 -25.70
C GLU B 62 28.38 4.90 -26.76
N ASN B 63 27.37 4.61 -27.57
CA ASN B 63 27.50 3.61 -28.63
C ASN B 63 26.84 4.11 -29.89
N PRO B 64 27.55 4.91 -30.68
CA PRO B 64 26.94 5.52 -31.87
C PRO B 64 26.40 4.52 -32.87
N SER B 65 26.85 3.27 -32.82
CA SER B 65 26.40 2.26 -33.75
C SER B 65 24.92 1.98 -33.59
N LEU B 66 24.30 2.42 -32.50
CA LEU B 66 22.86 2.28 -32.35
C LEU B 66 22.08 3.07 -33.40
N ILE B 67 22.67 4.12 -34.00
CA ILE B 67 22.04 4.79 -35.12
C ILE B 67 22.84 4.63 -36.41
N ALA B 68 23.76 3.68 -36.45
CA ALA B 68 24.30 3.22 -37.73
C ALA B 68 23.29 2.30 -38.38
N PRO B 69 23.36 2.10 -39.70
CA PRO B 69 22.42 1.19 -40.35
C PRO B 69 22.44 -0.14 -39.61
N ASN B 70 21.26 -0.70 -39.39
N ASN B 70 21.25 -0.69 -39.37
CA ASN B 70 20.99 -1.93 -38.67
CA ASN B 70 21.02 -1.94 -38.67
C ASN B 70 21.05 -1.75 -37.16
C ASN B 70 21.28 -1.82 -37.17
N GLY B 71 21.47 -0.59 -36.67
CA GLY B 71 21.53 -0.38 -35.23
C GLY B 71 20.15 -0.40 -34.61
N GLY B 72 20.13 -0.53 -33.29
CA GLY B 72 18.87 -0.73 -32.58
C GLY B 72 17.84 0.35 -32.80
N VAL B 73 18.27 1.59 -33.05
CA VAL B 73 17.33 2.69 -33.23
C VAL B 73 17.66 3.50 -34.49
N TYR B 74 18.01 2.80 -35.57
CA TYR B 74 18.48 3.50 -36.76
C TYR B 74 17.36 4.16 -37.54
N THR B 75 16.22 3.52 -37.62
CA THR B 75 15.11 4.03 -38.43
C THR B 75 14.22 4.91 -37.54
N ASN B 76 13.45 5.78 -38.19
CA ASN B 76 12.51 6.60 -37.41
C ASN B 76 11.55 5.71 -36.65
N ARG B 77 11.11 4.61 -37.28
CA ARG B 77 10.17 3.70 -36.62
C ARG B 77 10.79 3.12 -35.35
N LYS B 78 12.04 2.65 -35.42
CA LYS B 78 12.65 2.03 -34.24
C LYS B 78 12.96 3.06 -33.17
N MET B 79 13.51 4.21 -33.56
CA MET B 79 13.73 5.27 -32.60
C MET B 79 12.45 5.69 -31.91
N ALA B 80 11.35 5.77 -32.66
CA ALA B 80 10.08 6.17 -32.04
C ALA B 80 9.66 5.14 -31.00
N ALA B 81 9.82 3.86 -31.33
CA ALA B 81 9.44 2.80 -30.38
C ALA B 81 10.30 2.87 -29.14
N CYS B 82 11.58 3.15 -29.30
CA CYS B 82 12.51 3.22 -28.16
C CYS B 82 12.20 4.41 -27.26
N LEU B 83 12.04 5.60 -27.85
CA LEU B 83 11.64 6.76 -27.05
C LEU B 83 10.32 6.50 -26.34
N ARG B 84 9.38 5.87 -27.04
CA ARG B 84 8.10 5.53 -26.44
C ARG B 84 8.29 4.63 -25.22
N ASP B 85 9.07 3.55 -25.38
CA ASP B 85 9.26 2.61 -24.29
C ASP B 85 9.92 3.30 -23.11
N ALA B 86 10.92 4.15 -23.36
CA ALA B 86 11.56 4.86 -22.26
C ALA B 86 10.54 5.67 -21.48
N GLU B 87 9.64 6.38 -22.19
CA GLU B 87 8.58 7.13 -21.53
C GLU B 87 7.63 6.23 -20.76
N ILE B 88 7.18 5.14 -21.38
CA ILE B 88 6.28 4.20 -20.70
C ILE B 88 6.90 3.79 -19.38
N ILE B 89 8.16 3.35 -19.42
CA ILE B 89 8.82 2.88 -18.20
C ILE B 89 8.89 4.00 -17.19
N LEU B 90 9.35 5.19 -17.63
CA LEU B 90 9.41 6.33 -16.72
C LEU B 90 8.05 6.61 -16.07
N ARG B 91 6.97 6.50 -16.85
CA ARG B 91 5.64 6.81 -16.29
C ARG B 91 5.20 5.76 -15.27
N TYR B 92 5.47 4.47 -15.54
CA TYR B 92 5.19 3.47 -14.53
C TYR B 92 6.03 3.70 -13.26
N VAL B 93 7.27 4.13 -13.42
CA VAL B 93 8.07 4.49 -12.25
C VAL B 93 7.43 5.66 -11.50
N SER B 94 6.93 6.67 -12.24
CA SER B 94 6.28 7.81 -11.57
C SER B 94 5.07 7.36 -10.76
N TYR B 95 4.27 6.44 -11.28
CA TYR B 95 3.14 5.92 -10.55
C TYR B 95 3.58 5.08 -9.36
N SER B 96 4.70 4.36 -9.48
CA SER B 96 5.22 3.61 -8.35
C SER B 96 5.60 4.56 -7.22
N LEU B 97 6.16 5.71 -7.57
CA LEU B 97 6.53 6.68 -6.56
C LEU B 97 5.30 7.34 -5.96
N LEU B 98 4.27 7.59 -6.77
CA LEU B 98 3.05 8.17 -6.22
C LEU B 98 2.43 7.22 -5.21
N SER B 99 2.37 5.94 -5.54
N SER B 99 2.36 5.93 -5.55
CA SER B 99 1.64 4.99 -4.72
CA SER B 99 1.68 4.94 -4.75
C SER B 99 2.52 4.29 -3.69
C SER B 99 2.52 4.43 -3.59
N GLY B 100 3.84 4.54 -3.69
CA GLY B 100 4.73 3.82 -2.79
C GLY B 100 4.80 2.33 -2.98
N ASP B 101 4.59 1.87 -4.20
CA ASP B 101 4.53 0.44 -4.45
C ASP B 101 4.84 0.17 -5.92
N SER B 102 5.53 -0.94 -6.18
CA SER B 102 5.91 -1.28 -7.55
C SER B 102 5.01 -2.33 -8.19
N SER B 103 3.88 -2.64 -7.57
N SER B 103 3.88 -2.65 -7.57
CA SER B 103 3.06 -3.75 -8.07
CA SER B 103 3.06 -3.75 -8.07
C SER B 103 2.60 -3.52 -9.50
C SER B 103 2.63 -3.51 -9.51
N VAL B 104 2.16 -2.30 -9.84
CA VAL B 104 1.64 -2.05 -11.18
C VAL B 104 2.76 -2.05 -12.19
N LEU B 105 3.89 -1.44 -11.85
CA LEU B 105 5.07 -1.48 -12.70
C LEU B 105 5.43 -2.94 -13.03
N GLU B 106 5.47 -3.80 -12.00
CA GLU B 106 5.89 -5.17 -12.24
C GLU B 106 4.86 -5.94 -13.06
N ASP B 107 3.58 -5.77 -12.76
CA ASP B 107 2.55 -6.61 -13.35
C ASP B 107 2.13 -6.14 -14.72
N ARG B 108 2.16 -4.82 -14.97
CA ARG B 108 1.63 -4.27 -16.21
C ARG B 108 2.71 -3.81 -17.16
N CYS B 109 3.90 -3.53 -16.67
CA CYS B 109 4.98 -3.04 -17.52
C CYS B 109 6.11 -4.05 -17.68
N LEU B 110 6.60 -4.64 -16.59
CA LEU B 110 7.80 -5.48 -16.68
C LEU B 110 7.51 -6.93 -16.98
N ASN B 111 6.33 -7.42 -16.61
CA ASN B 111 5.95 -8.79 -16.89
C ASN B 111 5.97 -9.10 -18.38
N GLY B 112 6.89 -9.96 -18.81
CA GLY B 112 7.04 -10.34 -20.19
C GLY B 112 7.95 -9.44 -21.00
N LEU B 113 8.47 -8.37 -20.40
CA LEU B 113 9.17 -7.35 -21.18
C LEU B 113 10.51 -7.89 -21.68
N LYS B 114 11.26 -8.58 -20.82
CA LYS B 114 12.53 -9.13 -21.25
C LYS B 114 12.35 -10.11 -22.42
N GLU B 115 11.37 -11.01 -22.30
CA GLU B 115 11.12 -11.95 -23.39
C GLU B 115 10.75 -11.20 -24.66
N THR B 116 9.97 -10.13 -24.54
CA THR B 116 9.62 -9.32 -25.71
C THR B 116 10.87 -8.75 -26.36
N TYR B 117 11.73 -8.12 -25.57
CA TYR B 117 12.93 -7.54 -26.15
C TYR B 117 13.85 -8.61 -26.76
N ALA B 118 13.96 -9.78 -26.11
CA ALA B 118 14.76 -10.85 -26.70
C ALA B 118 14.22 -11.27 -28.05
N SER B 119 12.90 -11.33 -28.20
CA SER B 119 12.33 -11.76 -29.46
C SER B 119 12.49 -10.71 -30.56
N LEU B 120 12.63 -9.44 -30.18
CA LEU B 120 12.79 -8.35 -31.12
C LEU B 120 14.24 -7.98 -31.39
N GLY B 121 15.19 -8.55 -30.66
CA GLY B 121 16.57 -8.14 -30.83
C GLY B 121 16.93 -6.81 -30.22
N VAL B 122 16.16 -6.32 -29.27
CA VAL B 122 16.49 -5.02 -28.67
C VAL B 122 17.69 -5.21 -27.74
N PRO B 123 18.77 -4.44 -27.91
CA PRO B 123 19.99 -4.68 -27.13
C PRO B 123 19.83 -4.42 -25.64
N ALA B 124 20.15 -5.45 -24.84
CA ALA B 124 20.04 -5.33 -23.40
C ALA B 124 21.01 -4.28 -22.86
N ALA B 125 22.16 -4.14 -23.48
CA ALA B 125 23.12 -3.13 -23.02
C ALA B 125 22.62 -1.71 -23.28
N GLY B 126 21.88 -1.51 -24.36
CA GLY B 126 21.28 -0.20 -24.60
C GLY B 126 20.20 0.11 -23.57
N ASN B 127 19.32 -0.85 -23.28
CA ASN B 127 18.34 -0.62 -22.22
C ASN B 127 19.03 -0.33 -20.90
N ALA B 128 20.10 -1.06 -20.60
CA ALA B 128 20.78 -0.85 -19.32
C ALA B 128 21.28 0.57 -19.20
N ARG B 129 21.86 1.11 -20.28
CA ARG B 129 22.37 2.47 -20.20
C ARG B 129 21.24 3.48 -20.13
N THR B 130 20.20 3.32 -20.96
CA THR B 130 19.08 4.25 -20.89
C THR B 130 18.49 4.31 -19.50
N ILE B 131 18.31 3.14 -18.87
N ILE B 131 18.32 3.15 -18.86
CA ILE B 131 17.72 3.14 -17.53
CA ILE B 131 17.70 3.15 -17.53
C ILE B 131 18.63 3.81 -16.52
C ILE B 131 18.63 3.80 -16.51
N SER B 132 19.94 3.54 -16.61
CA SER B 132 20.87 4.14 -15.67
C SER B 132 20.86 5.66 -15.77
N ILE B 133 20.76 6.19 -16.99
CA ILE B 133 20.72 7.65 -17.13
C ILE B 133 19.39 8.18 -16.63
N MET B 134 18.29 7.52 -16.99
N MET B 134 18.27 7.53 -16.99
CA MET B 134 17.00 7.94 -16.49
CA MET B 134 16.98 7.98 -16.48
C MET B 134 16.99 8.00 -14.97
C MET B 134 16.97 8.00 -14.95
N LYS B 135 17.51 6.96 -14.32
CA LYS B 135 17.60 6.91 -12.87
C LYS B 135 18.41 8.08 -12.32
N ALA B 136 19.59 8.32 -12.90
CA ALA B 136 20.43 9.41 -12.42
C ALA B 136 19.76 10.76 -12.62
N THR B 137 19.09 10.95 -13.76
CA THR B 137 18.45 12.23 -14.05
C THR B 137 17.33 12.50 -13.06
N VAL B 138 16.47 11.52 -12.83
CA VAL B 138 15.37 11.68 -11.87
C VAL B 138 15.92 11.99 -10.48
N ILE B 139 16.93 11.23 -10.06
CA ILE B 139 17.51 11.47 -8.75
C ILE B 139 18.12 12.86 -8.68
N GLY B 140 18.76 13.30 -9.78
CA GLY B 140 19.31 14.66 -9.83
C GLY B 140 18.25 15.73 -9.63
N PHE B 141 17.12 15.61 -10.33
CA PHE B 141 16.05 16.60 -10.16
C PHE B 141 15.48 16.58 -8.74
N ILE B 142 15.32 15.37 -8.17
CA ILE B 142 14.73 15.25 -6.84
C ILE B 142 15.65 15.83 -5.77
N THR B 143 16.97 15.80 -5.97
CA THR B 143 17.91 16.21 -4.94
C THR B 143 18.60 17.54 -5.25
N ASN B 144 18.09 18.27 -6.22
CA ASN B 144 18.60 19.61 -6.58
C ASN B 144 20.06 19.52 -7.06
N ASN B 145 20.43 18.40 -7.67
CA ASN B 145 21.73 18.25 -8.32
C ASN B 145 21.70 18.59 -9.81
N SER B 146 20.61 19.12 -10.29
CA SER B 146 20.42 19.37 -11.70
C SER B 146 20.80 20.81 -11.99
N GLN B 147 21.18 21.07 -13.25
CA GLN B 147 21.48 22.43 -13.68
C GLN B 147 20.29 23.36 -13.49
N GLN B 148 19.11 22.89 -13.88
CA GLN B 148 17.87 23.63 -13.71
C GLN B 148 17.14 23.21 -12.45
N LYS B 149 16.59 24.19 -11.74
CA LYS B 149 15.77 23.95 -10.55
C LYS B 149 14.46 24.73 -10.72
N LYS B 150 13.62 24.30 -11.67
CA LYS B 150 12.44 25.09 -12.01
C LYS B 150 11.27 24.89 -11.08
N LEU B 151 11.27 23.81 -10.31
CA LEU B 151 10.17 23.51 -9.39
C LEU B 151 10.54 24.05 -8.03
N SER B 152 9.74 24.94 -7.49
N SER B 152 9.71 24.94 -7.52
CA SER B 152 10.06 25.55 -6.19
CA SER B 152 9.88 25.50 -6.19
C SER B 152 9.59 24.65 -5.06
C SER B 152 9.58 24.45 -5.13
N THR B 153 10.54 24.19 -4.25
CA THR B 153 10.26 23.41 -3.06
C THR B 153 10.92 24.05 -1.85
N PRO B 154 10.42 23.77 -0.66
CA PRO B 154 11.21 24.04 0.56
C PRO B 154 12.48 23.20 0.52
N ALA B 155 13.57 23.79 0.97
CA ALA B 155 14.85 23.11 0.90
C ALA B 155 14.93 22.07 2.01
N GLY B 156 15.21 20.83 1.63
CA GLY B 156 15.35 19.77 2.60
C GLY B 156 15.96 18.54 1.98
N ASP B 157 16.04 17.49 2.78
CA ASP B 157 16.66 16.24 2.38
C ASP B 157 15.63 15.30 1.78
N CYS B 158 15.80 14.96 0.50
CA CYS B 158 14.92 13.99 -0.16
C CYS B 158 15.64 12.70 -0.48
N SER B 159 16.68 12.37 0.27
CA SER B 159 17.48 11.18 -0.05
C SER B 159 16.67 9.89 0.10
N ALA B 160 15.72 9.83 1.04
CA ALA B 160 14.91 8.62 1.18
C ALA B 160 14.05 8.38 -0.07
N LEU B 161 13.39 9.44 -0.54
CA LEU B 161 12.61 9.30 -1.77
C LEU B 161 13.51 8.99 -2.97
N ALA B 162 14.70 9.61 -3.03
CA ALA B 162 15.61 9.30 -4.13
C ALA B 162 16.06 7.85 -4.09
N SER B 163 16.28 7.31 -2.89
N SER B 163 16.30 7.31 -2.90
CA SER B 163 16.61 5.89 -2.74
CA SER B 163 16.61 5.90 -2.78
C SER B 163 15.45 5.01 -3.19
C SER B 163 15.44 5.05 -3.26
N GLU B 164 14.23 5.40 -2.84
CA GLU B 164 13.05 4.62 -3.21
C GLU B 164 12.87 4.58 -4.71
N VAL B 165 12.94 5.74 -5.38
CA VAL B 165 12.78 5.75 -6.83
C VAL B 165 13.93 5.01 -7.50
N GLY B 166 15.13 5.14 -6.95
CA GLY B 166 16.24 4.34 -7.47
C GLY B 166 15.95 2.85 -7.42
N GLY B 167 15.33 2.38 -6.33
CA GLY B 167 14.91 1.00 -6.26
C GLY B 167 13.96 0.61 -7.39
N TYR B 168 13.02 1.49 -7.73
CA TYR B 168 12.08 1.16 -8.79
C TYR B 168 12.80 1.03 -10.12
N PHE B 169 13.72 1.93 -10.40
CA PHE B 169 14.53 1.78 -11.62
C PHE B 169 15.35 0.51 -11.56
N ASP B 170 15.84 0.15 -10.38
CA ASP B 170 16.62 -1.07 -10.24
C ASP B 170 15.75 -2.31 -10.51
N LYS B 171 14.46 -2.25 -10.22
CA LYS B 171 13.58 -3.36 -10.60
C LYS B 171 13.50 -3.48 -12.11
N VAL B 172 13.45 -2.34 -12.81
CA VAL B 172 13.44 -2.37 -14.27
C VAL B 172 14.73 -3.00 -14.78
N SER B 173 15.87 -2.52 -14.27
N SER B 173 15.87 -2.52 -14.28
CA SER B 173 17.16 -3.02 -14.71
CA SER B 173 17.14 -3.04 -14.78
C SER B 173 17.27 -4.51 -14.46
C SER B 173 17.32 -4.51 -14.45
N SER B 174 16.84 -4.96 -13.28
CA SER B 174 16.87 -6.37 -12.96
C SER B 174 16.06 -7.17 -13.96
N ALA B 175 14.84 -6.71 -14.22
CA ALA B 175 13.95 -7.45 -15.12
C ALA B 175 14.54 -7.54 -16.51
N LEU B 176 15.27 -6.52 -16.95
CA LEU B 176 15.80 -6.48 -18.31
C LEU B 176 17.24 -7.00 -18.40
N LEU C 6 8.10 27.36 -43.93
CA LEU C 6 8.46 26.61 -42.72
C LEU C 6 9.67 25.70 -42.88
N ARG C 7 10.62 26.13 -43.69
CA ARG C 7 11.89 25.45 -43.77
C ARG C 7 12.90 26.19 -42.92
N ALA C 8 13.91 25.46 -42.44
CA ALA C 8 15.01 26.06 -41.71
C ALA C 8 16.26 25.26 -41.93
N PRO C 9 17.43 25.85 -41.67
CA PRO C 9 18.69 25.13 -41.84
C PRO C 9 18.92 24.17 -40.70
N ILE C 10 19.03 22.89 -41.02
CA ILE C 10 19.28 21.83 -40.05
C ILE C 10 20.78 21.53 -40.15
N ILE C 11 21.49 21.82 -39.06
CA ILE C 11 22.94 21.69 -39.00
C ILE C 11 23.29 20.51 -38.13
N THR C 12 24.17 19.64 -38.64
CA THR C 12 24.73 18.55 -37.84
C THR C 12 26.24 18.72 -37.84
N VAL C 13 26.85 18.67 -36.66
CA VAL C 13 28.28 18.87 -36.50
C VAL C 13 28.89 17.54 -36.11
N PHE C 14 29.74 16.99 -36.99
CA PHE C 14 30.34 15.68 -36.80
C PHE C 14 31.82 15.87 -36.44
N ASP C 15 32.12 15.87 -35.14
CA ASP C 15 33.50 15.70 -34.69
C ASP C 15 33.74 14.20 -34.62
N ALA C 16 34.25 13.64 -35.72
CA ALA C 16 34.38 12.20 -35.94
C ALA C 16 35.83 11.75 -35.80
N ARG C 17 36.62 12.49 -35.04
CA ARG C 17 38.01 12.10 -34.85
C ARG C 17 38.08 10.75 -34.13
N GLY C 18 38.67 9.77 -34.80
CA GLY C 18 38.75 8.42 -34.27
C GLY C 18 37.61 7.50 -34.66
N CYS C 19 36.59 7.99 -35.34
CA CYS C 19 35.46 7.15 -35.73
C CYS C 19 35.76 6.48 -37.06
N ARG C 20 35.90 5.15 -37.04
CA ARG C 20 36.22 4.39 -38.24
C ARG C 20 35.02 3.70 -38.87
N GLU C 21 33.92 3.54 -38.13
CA GLU C 21 32.82 2.71 -38.64
C GLU C 21 32.08 3.41 -39.77
N HIS C 22 32.03 4.71 -39.73
CA HIS C 22 31.42 5.50 -40.79
C HIS C 22 32.52 5.93 -41.74
N LYS C 23 32.34 5.64 -43.03
CA LYS C 23 33.34 6.04 -44.01
C LYS C 23 33.11 7.47 -44.47
N ASN C 24 34.20 8.25 -44.53
CA ASN C 24 34.11 9.70 -44.70
C ASN C 24 34.05 10.02 -46.19
N ARG C 25 32.87 9.79 -46.75
CA ARG C 25 32.69 9.82 -48.20
C ARG C 25 31.74 10.93 -48.63
N GLU C 26 31.13 11.66 -47.70
CA GLU C 26 30.16 12.68 -48.04
C GLU C 26 30.84 13.96 -48.51
N TYR C 27 31.85 14.41 -47.80
CA TYR C 27 32.65 15.54 -48.23
C TYR C 27 33.61 15.07 -49.31
N LYS C 28 33.58 15.73 -50.46
CA LYS C 28 34.37 15.28 -51.60
C LYS C 28 35.42 16.27 -52.05
N GLY C 29 35.72 17.30 -51.25
CA GLY C 29 36.69 18.30 -51.60
C GLY C 29 38.07 17.92 -51.13
N PRO C 30 39.01 18.85 -51.25
CA PRO C 30 40.39 18.55 -50.88
C PRO C 30 40.53 18.19 -49.41
N LYS C 31 41.51 17.34 -49.13
N LYS C 31 41.49 17.32 -49.12
CA LYS C 31 41.86 16.94 -47.77
CA LYS C 31 41.81 16.98 -47.75
C LYS C 31 43.16 17.62 -47.37
C LYS C 31 43.01 17.81 -47.31
N THR C 32 43.43 17.60 -46.06
CA THR C 32 44.47 18.41 -45.46
C THR C 32 45.60 17.58 -44.89
N GLY C 33 45.41 16.29 -44.64
CA GLY C 33 46.39 15.55 -43.87
C GLY C 33 46.39 15.89 -42.40
N THR C 34 45.35 16.54 -41.92
CA THR C 34 45.18 16.90 -40.52
C THR C 34 43.85 16.32 -40.01
N GLN C 35 43.62 16.49 -38.69
CA GLN C 35 42.36 16.05 -38.07
C GLN C 35 41.13 16.74 -38.65
N ASP C 36 41.28 17.85 -39.37
CA ASP C 36 40.12 18.43 -40.06
C ASP C 36 39.53 17.47 -41.08
N ASP C 37 40.29 16.47 -41.53
CA ASP C 37 39.76 15.46 -42.44
C ASP C 37 38.80 14.49 -41.74
N GLU C 38 38.75 14.50 -40.41
CA GLU C 38 37.89 13.62 -39.63
C GLU C 38 36.75 14.39 -38.95
N MET C 39 36.47 15.60 -39.44
CA MET C 39 35.41 16.44 -38.92
C MET C 39 34.65 17.04 -40.09
N CYS C 40 33.37 17.26 -39.89
CA CYS C 40 32.55 17.75 -40.99
C CYS C 40 31.31 18.40 -40.40
N VAL C 41 30.83 19.44 -41.08
CA VAL C 41 29.55 20.08 -40.79
C VAL C 41 28.62 19.82 -41.97
N LYS C 42 27.42 19.33 -41.68
CA LYS C 42 26.38 19.11 -42.68
C LYS C 42 25.30 20.18 -42.48
N VAL C 43 24.86 20.78 -43.58
CA VAL C 43 23.78 21.77 -43.54
C VAL C 43 22.73 21.39 -44.57
N GLN C 44 21.49 21.28 -44.13
CA GLN C 44 20.37 20.98 -45.03
C GLN C 44 19.18 21.84 -44.65
N TYR C 45 18.50 22.35 -45.67
N TYR C 45 18.40 22.24 -45.64
CA TYR C 45 17.27 23.10 -45.50
CA TYR C 45 17.29 23.19 -45.47
C TYR C 45 16.11 22.13 -45.67
C TYR C 45 15.99 22.43 -45.72
N GLU C 46 15.34 21.97 -44.62
CA GLU C 46 14.14 21.16 -44.72
C GLU C 46 12.97 21.76 -43.94
N LYS C 47 11.78 21.25 -44.25
CA LYS C 47 10.58 21.62 -43.51
C LYS C 47 10.72 21.14 -42.07
N ILE C 48 10.40 22.01 -41.12
CA ILE C 48 10.44 21.64 -39.70
C ILE C 48 9.04 21.22 -39.30
N ALA C 49 8.91 20.00 -38.81
CA ALA C 49 7.61 19.43 -38.51
C ALA C 49 7.06 19.97 -37.19
N ALA C 50 5.74 20.13 -37.16
CA ALA C 50 5.00 20.33 -35.93
C ALA C 50 4.55 18.97 -35.43
N CYS C 51 5.00 18.58 -34.25
CA CYS C 51 4.84 17.23 -33.75
C CYS C 51 3.79 17.25 -32.62
N GLU C 52 2.65 16.63 -32.86
CA GLU C 52 1.60 16.66 -31.84
C GLU C 52 1.93 15.78 -30.63
N ASP C 53 2.78 14.76 -30.79
CA ASP C 53 3.25 14.03 -29.59
C ASP C 53 4.12 14.92 -28.70
N THR C 54 5.04 15.70 -29.30
CA THR C 54 5.82 16.64 -28.51
C THR C 54 4.90 17.65 -27.84
N ALA C 55 3.90 18.16 -28.58
CA ALA C 55 2.99 19.12 -27.98
C ALA C 55 2.29 18.52 -26.77
N PHE C 56 1.83 17.27 -26.88
CA PHE C 56 1.09 16.64 -25.80
C PHE C 56 1.95 16.47 -24.55
N ILE C 57 3.18 15.99 -24.71
CA ILE C 57 4.03 15.77 -23.55
C ILE C 57 4.44 17.10 -22.91
N VAL C 58 4.72 18.11 -23.74
CA VAL C 58 5.04 19.43 -23.18
C VAL C 58 3.85 20.00 -22.43
N LEU C 59 2.63 19.84 -22.97
CA LEU C 59 1.45 20.31 -22.27
C LEU C 59 1.30 19.60 -20.94
N LYS C 60 1.53 18.29 -20.91
CA LYS C 60 1.48 17.60 -19.63
C LYS C 60 2.53 18.16 -18.67
N GLU C 61 3.74 18.43 -19.17
CA GLU C 61 4.75 19.01 -18.28
C GLU C 61 4.23 20.32 -17.70
N CYS C 62 3.70 21.18 -18.57
CA CYS C 62 3.22 22.50 -18.18
C CYS C 62 2.16 22.40 -17.11
N LEU C 63 1.18 21.50 -17.31
CA LEU C 63 0.05 21.38 -16.40
C LEU C 63 0.49 21.06 -14.98
N SER C 64 1.64 20.38 -14.83
CA SER C 64 2.15 20.02 -13.52
C SER C 64 3.12 21.05 -12.93
N GLU C 65 3.27 22.22 -13.57
CA GLU C 65 4.24 23.19 -13.07
C GLU C 65 3.76 24.63 -13.19
N MET C 66 2.46 24.86 -13.26
CA MET C 66 1.96 26.20 -13.44
C MET C 66 2.21 27.09 -12.24
N LYS C 67 2.66 28.32 -12.49
CA LYS C 67 2.94 29.25 -11.42
C LYS C 67 1.75 30.18 -11.18
N SER C 68 1.52 30.48 -9.91
CA SER C 68 0.47 31.41 -9.47
C SER C 68 0.75 31.73 -8.02
N ALA D 16 21.97 18.53 -49.32
CA ALA D 16 22.86 18.83 -48.19
C ALA D 16 24.23 19.32 -48.60
N ALA D 17 24.76 20.27 -47.86
CA ALA D 17 26.14 20.72 -48.02
C ALA D 17 26.98 20.03 -46.95
N TYR D 18 28.17 19.60 -47.33
CA TYR D 18 29.12 18.97 -46.44
C TYR D 18 30.41 19.78 -46.46
N VAL D 19 30.79 20.29 -45.29
CA VAL D 19 31.98 21.12 -45.13
C VAL D 19 32.93 20.38 -44.20
N GLY D 20 33.94 19.73 -44.78
CA GLY D 20 34.92 18.94 -44.06
C GLY D 20 36.31 19.21 -44.62
N GLY D 21 37.30 18.53 -44.05
CA GLY D 21 38.64 18.59 -44.63
C GLY D 21 39.09 20.03 -44.90
N ALA D 22 39.60 20.27 -46.11
CA ALA D 22 40.15 21.59 -46.40
C ALA D 22 39.08 22.69 -46.41
N ASP D 23 37.85 22.38 -46.85
CA ASP D 23 36.81 23.39 -46.80
C ASP D 23 36.52 23.82 -45.37
N LEU D 24 36.50 22.87 -44.45
CA LEU D 24 36.27 23.19 -43.05
C LEU D 24 37.43 23.99 -42.48
N GLN D 25 38.66 23.52 -42.75
CA GLN D 25 39.83 24.28 -42.31
C GLN D 25 39.76 25.72 -42.80
N ALA D 26 39.38 25.91 -44.06
CA ALA D 26 39.25 27.25 -44.61
C ALA D 26 38.13 28.03 -43.93
N LEU D 27 36.98 27.40 -43.73
CA LEU D 27 35.88 28.07 -43.06
C LEU D 27 36.35 28.64 -41.73
N LYS D 28 37.11 27.85 -40.97
CA LYS D 28 37.58 28.26 -39.65
C LYS D 28 38.66 29.33 -39.70
N LYS D 29 39.17 29.65 -40.88
CA LYS D 29 40.05 30.80 -41.07
C LYS D 29 39.29 32.05 -41.54
N PHE D 30 38.08 31.88 -42.04
CA PHE D 30 37.28 32.99 -42.56
C PHE D 30 36.25 33.50 -41.58
N VAL D 31 35.97 32.76 -40.51
CA VAL D 31 35.11 33.21 -39.42
C VAL D 31 35.99 33.32 -38.19
N SER D 32 35.63 34.20 -37.28
CA SER D 32 36.38 34.29 -36.04
C SER D 32 36.10 33.08 -35.16
N GLU D 33 37.07 32.76 -34.30
CA GLU D 33 36.85 31.75 -33.25
C GLU D 33 36.43 30.39 -33.84
N GLY D 34 37.07 29.95 -34.92
CA GLY D 34 36.52 28.90 -35.76
C GLY D 34 36.19 27.60 -35.05
N ASN D 35 37.13 27.05 -34.27
CA ASN D 35 36.82 25.78 -33.59
C ASN D 35 35.74 25.95 -32.52
N LYS D 36 35.87 26.97 -31.67
CA LYS D 36 34.85 27.24 -30.66
C LYS D 36 33.50 27.50 -31.30
N ARG D 37 33.50 28.12 -32.49
CA ARG D 37 32.25 28.39 -33.17
C ARG D 37 31.58 27.09 -33.57
N MET D 38 32.33 26.13 -34.12
N MET D 38 32.33 26.13 -34.09
CA MET D 38 31.73 24.84 -34.44
CA MET D 38 31.72 24.83 -34.44
C MET D 38 31.18 24.16 -33.18
C MET D 38 31.22 24.10 -33.20
N ASP D 39 31.92 24.25 -32.08
CA ASP D 39 31.46 23.68 -30.82
C ASP D 39 30.15 24.33 -30.35
N SER D 40 30.05 25.66 -30.43
CA SER D 40 28.84 26.34 -29.97
C SER D 40 27.63 25.90 -30.79
N VAL D 41 27.82 25.71 -32.09
CA VAL D 41 26.73 25.23 -32.93
C VAL D 41 26.35 23.79 -32.54
N ASN D 42 27.35 22.94 -32.34
CA ASN D 42 27.11 21.57 -31.91
C ASN D 42 26.30 21.54 -30.62
N ALA D 43 26.67 22.37 -29.64
CA ALA D 43 25.94 22.37 -28.35
C ALA D 43 24.48 22.75 -28.55
N ILE D 44 24.20 23.73 -29.42
CA ILE D 44 22.82 24.13 -29.67
C ILE D 44 22.05 22.98 -30.33
N VAL D 45 22.56 22.49 -31.47
CA VAL D 45 21.76 21.54 -32.23
C VAL D 45 21.59 20.24 -31.47
N SER D 46 22.59 19.83 -30.69
CA SER D 46 22.56 18.57 -29.94
C SER D 46 21.67 18.62 -28.71
N ASN D 47 21.18 19.80 -28.36
CA ASN D 47 20.28 19.99 -27.23
C ASN D 47 18.99 20.67 -27.64
N ALA D 48 18.69 20.70 -28.93
CA ALA D 48 17.61 21.52 -29.46
C ALA D 48 16.25 21.21 -28.82
N SER D 49 15.92 19.95 -28.65
CA SER D 49 14.57 19.66 -28.18
C SER D 49 14.33 20.19 -26.77
N CYS D 50 15.34 20.13 -25.90
CA CYS D 50 15.16 20.65 -24.54
C CYS D 50 15.17 22.17 -24.58
N ILE D 51 16.09 22.76 -25.37
CA ILE D 51 16.11 24.22 -25.46
C ILE D 51 14.74 24.73 -25.85
N VAL D 52 14.14 24.09 -26.86
CA VAL D 52 12.83 24.49 -27.37
C VAL D 52 11.75 24.26 -26.32
N SER D 53 11.69 23.05 -25.73
CA SER D 53 10.60 22.79 -24.78
C SER D 53 10.73 23.62 -23.51
N ASP D 54 11.95 23.81 -23.01
CA ASP D 54 12.15 24.62 -21.81
C ASP D 54 11.75 26.04 -22.03
N SER D 55 12.05 26.58 -23.21
CA SER D 55 11.70 27.96 -23.52
C SER D 55 10.19 28.16 -23.62
N VAL D 56 9.51 27.32 -24.41
CA VAL D 56 8.07 27.45 -24.60
C VAL D 56 7.35 27.14 -23.29
N SER D 57 7.75 26.05 -22.61
CA SER D 57 7.05 25.72 -21.37
C SER D 57 7.34 26.71 -20.25
N GLY D 58 8.48 27.42 -20.31
CA GLY D 58 8.72 28.46 -19.34
C GLY D 58 7.84 29.67 -19.58
N MET D 59 7.65 30.08 -20.84
CA MET D 59 6.63 31.05 -21.18
C MET D 59 5.28 30.66 -20.56
N VAL D 60 4.88 29.40 -20.73
CA VAL D 60 3.59 28.93 -20.23
C VAL D 60 3.56 28.92 -18.70
N CYS D 61 4.59 28.36 -18.05
CA CYS D 61 4.46 28.20 -16.59
C CYS D 61 4.40 29.54 -15.88
N GLU D 62 5.04 30.56 -16.46
CA GLU D 62 4.99 31.91 -15.93
C GLU D 62 3.68 32.60 -16.25
N ASN D 63 2.99 32.18 -17.30
CA ASN D 63 1.71 32.78 -17.68
C ASN D 63 0.77 31.65 -18.12
N PRO D 64 0.19 30.91 -17.16
CA PRO D 64 -0.61 29.73 -17.49
C PRO D 64 -1.87 30.03 -18.25
N SER D 65 -2.31 31.28 -18.32
CA SER D 65 -3.42 31.61 -19.20
C SER D 65 -3.15 31.26 -20.66
N LEU D 66 -1.87 31.08 -21.04
CA LEU D 66 -1.55 30.64 -22.39
C LEU D 66 -2.07 29.24 -22.70
N ILE D 67 -2.33 28.43 -21.68
CA ILE D 67 -2.95 27.13 -21.93
C ILE D 67 -4.37 27.01 -21.34
N ALA D 68 -4.97 28.14 -20.95
CA ALA D 68 -6.39 28.20 -20.62
C ALA D 68 -7.17 28.25 -21.93
N PRO D 69 -8.48 28.01 -21.85
CA PRO D 69 -9.30 28.05 -23.08
C PRO D 69 -9.04 29.33 -23.87
N ASN D 70 -8.77 29.15 -25.16
CA ASN D 70 -8.49 30.24 -26.10
C ASN D 70 -7.14 30.91 -25.93
N GLY D 71 -6.27 30.36 -25.08
CA GLY D 71 -4.93 30.88 -24.92
C GLY D 71 -4.01 30.53 -26.11
N GLY D 72 -2.88 31.20 -26.16
CA GLY D 72 -2.04 31.11 -27.36
C GLY D 72 -1.62 29.70 -27.73
N VAL D 73 -1.41 28.83 -26.74
CA VAL D 73 -0.95 27.48 -27.02
C VAL D 73 -1.79 26.41 -26.31
N TYR D 74 -3.09 26.61 -26.24
CA TYR D 74 -3.90 25.80 -25.33
C TYR D 74 -4.31 24.44 -25.89
N THR D 75 -4.18 24.21 -27.20
CA THR D 75 -4.48 22.91 -27.77
C THR D 75 -3.21 22.22 -28.23
N ASN D 76 -3.29 20.90 -28.41
CA ASN D 76 -2.13 20.18 -28.95
C ASN D 76 -1.65 20.80 -30.25
N ARG D 77 -2.59 21.11 -31.15
CA ARG D 77 -2.21 21.67 -32.45
C ARG D 77 -1.49 23.01 -32.29
N LYS D 78 -2.03 23.92 -31.49
N LYS D 78 -2.01 23.90 -31.47
CA LYS D 78 -1.41 25.22 -31.31
CA LYS D 78 -1.40 25.22 -31.32
C LYS D 78 -0.03 25.06 -30.67
C LYS D 78 -0.04 25.11 -30.64
N MET D 79 0.05 24.31 -29.57
CA MET D 79 1.34 24.06 -28.95
C MET D 79 2.34 23.46 -29.94
N ALA D 80 1.91 22.51 -30.79
CA ALA D 80 2.82 21.90 -31.77
C ALA D 80 3.38 22.98 -32.72
N ALA D 81 2.51 23.88 -33.18
CA ALA D 81 2.94 24.96 -34.07
C ALA D 81 3.93 25.88 -33.38
N CYS D 82 3.69 26.20 -32.11
CA CYS D 82 4.58 27.09 -31.38
C CYS D 82 5.94 26.46 -31.14
N LEU D 83 5.95 25.19 -30.74
CA LEU D 83 7.21 24.46 -30.59
C LEU D 83 7.96 24.40 -31.90
N ARG D 84 7.25 24.20 -32.99
CA ARG D 84 7.90 24.21 -34.31
C ARG D 84 8.53 25.58 -34.59
N ASP D 85 7.78 26.66 -34.36
CA ASP D 85 8.30 27.99 -34.67
C ASP D 85 9.52 28.29 -33.80
N ALA D 86 9.47 27.92 -32.52
CA ALA D 86 10.61 28.12 -31.64
C ALA D 86 11.83 27.38 -32.17
N GLU D 87 11.62 26.15 -32.67
CA GLU D 87 12.71 25.42 -33.29
C GLU D 87 13.22 26.12 -34.53
N ILE D 88 12.31 26.61 -35.38
CA ILE D 88 12.71 27.33 -36.58
C ILE D 88 13.63 28.50 -36.22
N ILE D 89 13.21 29.29 -35.24
CA ILE D 89 14.01 30.43 -34.80
C ILE D 89 15.36 29.99 -34.28
N LEU D 90 15.38 28.98 -33.41
CA LEU D 90 16.64 28.46 -32.88
C LEU D 90 17.55 28.02 -34.02
N ARG D 91 16.99 27.37 -35.05
CA ARG D 91 17.82 26.86 -36.14
C ARG D 91 18.39 28.00 -36.98
N TYR D 92 17.60 29.05 -37.24
CA TYR D 92 18.16 30.18 -37.98
C TYR D 92 19.21 30.91 -37.14
N VAL D 93 19.05 30.95 -35.82
CA VAL D 93 20.11 31.48 -34.97
C VAL D 93 21.37 30.60 -35.04
N SER D 94 21.18 29.28 -35.07
CA SER D 94 22.33 28.37 -35.13
C SER D 94 23.09 28.57 -36.43
N TYR D 95 22.37 28.83 -37.52
CA TYR D 95 23.01 29.05 -38.81
C TYR D 95 23.71 30.40 -38.84
N SER D 96 23.14 31.41 -38.16
CA SER D 96 23.82 32.69 -38.02
C SER D 96 25.14 32.53 -37.29
N LEU D 97 25.15 31.71 -36.25
CA LEU D 97 26.40 31.47 -35.52
C LEU D 97 27.36 30.64 -36.35
N LEU D 98 26.87 29.67 -37.12
CA LEU D 98 27.79 28.90 -37.97
C LEU D 98 28.46 29.79 -38.98
N SER D 99 27.71 30.68 -39.62
CA SER D 99 28.21 31.49 -40.71
C SER D 99 28.78 32.83 -40.28
N GLY D 100 28.55 33.24 -39.04
CA GLY D 100 29.01 34.53 -38.57
C GLY D 100 28.24 35.71 -39.12
N ASP D 101 26.98 35.52 -39.53
CA ASP D 101 26.24 36.55 -40.21
C ASP D 101 24.76 36.31 -40.02
N SER D 102 24.00 37.38 -39.81
CA SER D 102 22.56 37.27 -39.56
C SER D 102 21.71 37.52 -40.79
N SER D 103 22.31 37.57 -41.98
CA SER D 103 21.56 37.95 -43.18
C SER D 103 20.44 36.98 -43.45
N VAL D 104 20.73 35.68 -43.37
CA VAL D 104 19.73 34.66 -43.68
C VAL D 104 18.62 34.67 -42.63
N LEU D 105 18.99 34.81 -41.36
CA LEU D 105 17.99 34.91 -40.31
C LEU D 105 17.05 36.08 -40.58
N GLU D 106 17.61 37.23 -40.94
CA GLU D 106 16.80 38.42 -41.15
C GLU D 106 15.91 38.29 -42.38
N ASP D 107 16.46 37.78 -43.48
CA ASP D 107 15.72 37.78 -44.74
C ASP D 107 14.75 36.61 -44.83
N ARG D 108 15.13 35.43 -44.36
CA ARG D 108 14.29 34.25 -44.58
C ARG D 108 13.41 33.89 -43.39
N CYS D 109 13.67 34.44 -42.18
CA CYS D 109 12.80 33.98 -41.11
C CYS D 109 12.14 35.16 -40.40
N LEU D 110 12.83 36.30 -40.22
CA LEU D 110 12.21 37.40 -39.47
C LEU D 110 11.44 38.40 -40.33
N ASN D 111 11.83 38.56 -41.58
CA ASN D 111 11.17 39.54 -42.46
C ASN D 111 9.70 39.17 -42.61
N GLY D 112 8.80 39.99 -42.07
CA GLY D 112 7.37 39.74 -42.15
C GLY D 112 6.80 38.84 -41.08
N LEU D 113 7.64 38.29 -40.20
CA LEU D 113 7.11 37.35 -39.20
C LEU D 113 6.22 38.06 -38.19
N LYS D 114 6.55 39.30 -37.84
CA LYS D 114 5.71 40.02 -36.88
C LYS D 114 4.29 40.18 -37.43
N GLU D 115 4.19 40.43 -38.74
CA GLU D 115 2.88 40.62 -39.36
C GLU D 115 2.12 39.30 -39.43
N THR D 116 2.81 38.21 -39.75
CA THR D 116 2.18 36.88 -39.68
C THR D 116 1.61 36.62 -38.30
N TYR D 117 2.39 36.93 -37.26
CA TYR D 117 1.93 36.66 -35.90
C TYR D 117 0.78 37.58 -35.51
N ALA D 118 0.78 38.82 -35.99
CA ALA D 118 -0.36 39.70 -35.77
C ALA D 118 -1.61 39.12 -36.40
N SER D 119 -1.50 38.64 -37.63
CA SER D 119 -2.66 38.09 -38.33
C SER D 119 -3.19 36.84 -37.66
N LEU D 120 -2.31 36.06 -37.04
CA LEU D 120 -2.70 34.84 -36.35
C LEU D 120 -3.08 35.08 -34.90
N GLY D 121 -2.88 36.28 -34.38
CA GLY D 121 -3.12 36.54 -32.97
C GLY D 121 -2.16 35.89 -32.02
N VAL D 122 -0.95 35.56 -32.46
CA VAL D 122 0.07 35.03 -31.58
C VAL D 122 0.54 36.15 -30.66
N PRO D 123 0.52 35.95 -29.34
CA PRO D 123 0.80 37.06 -28.43
C PRO D 123 2.27 37.45 -28.42
N ALA D 124 2.51 38.74 -28.60
CA ALA D 124 3.88 39.24 -28.67
C ALA D 124 4.60 39.07 -27.36
N ALA D 125 3.92 39.26 -26.24
CA ALA D 125 4.57 39.11 -24.94
C ALA D 125 4.98 37.66 -24.72
N GLY D 126 4.13 36.72 -25.15
CA GLY D 126 4.51 35.33 -25.07
C GLY D 126 5.75 35.02 -25.90
N ASN D 127 5.75 35.45 -27.16
CA ASN D 127 6.93 35.30 -27.98
C ASN D 127 8.16 35.89 -27.31
N ALA D 128 8.03 37.10 -26.77
CA ALA D 128 9.18 37.75 -26.16
C ALA D 128 9.78 36.91 -25.04
N ARG D 129 8.93 36.25 -24.25
CA ARG D 129 9.45 35.45 -23.14
C ARG D 129 10.06 34.14 -23.63
N THR D 130 9.43 33.47 -24.60
CA THR D 130 10.10 32.32 -25.20
C THR D 130 11.50 32.71 -25.67
N ILE D 131 11.63 33.85 -26.34
CA ILE D 131 12.93 34.26 -26.87
C ILE D 131 13.90 34.58 -25.75
N SER D 132 13.45 35.27 -24.69
CA SER D 132 14.39 35.63 -23.63
C SER D 132 14.85 34.39 -22.86
N ILE D 133 13.98 33.39 -22.69
CA ILE D 133 14.43 32.13 -22.09
C ILE D 133 15.41 31.42 -23.02
N MET D 134 15.07 31.38 -24.32
CA MET D 134 15.93 30.70 -25.28
C MET D 134 17.31 31.34 -25.33
N LYS D 135 17.35 32.67 -25.30
CA LYS D 135 18.61 33.39 -25.32
C LYS D 135 19.45 33.04 -24.11
N ALA D 136 18.85 33.11 -22.93
CA ALA D 136 19.59 32.76 -21.72
C ALA D 136 20.07 31.33 -21.77
N THR D 137 19.24 30.41 -22.26
CA THR D 137 19.62 29.01 -22.33
C THR D 137 20.80 28.78 -23.27
N VAL D 138 20.71 29.31 -24.49
CA VAL D 138 21.78 29.12 -25.46
C VAL D 138 23.08 29.74 -24.95
N ILE D 139 22.99 30.97 -24.42
CA ILE D 139 24.18 31.57 -23.83
C ILE D 139 24.74 30.69 -22.71
N GLY D 140 23.88 30.07 -21.92
CA GLY D 140 24.34 29.18 -20.87
C GLY D 140 25.09 27.96 -21.36
N PHE D 141 24.71 27.45 -22.54
CA PHE D 141 25.47 26.35 -23.15
C PHE D 141 26.83 26.79 -23.67
N ILE D 142 27.01 28.08 -23.95
CA ILE D 142 28.26 28.59 -24.46
C ILE D 142 29.16 29.07 -23.33
N THR D 143 28.60 29.68 -22.29
CA THR D 143 29.40 30.16 -21.18
C THR D 143 29.60 29.09 -20.11
N ASN D 144 29.00 27.92 -20.30
CA ASN D 144 29.09 26.77 -19.41
C ASN D 144 30.47 26.62 -18.80
N ASN D 145 30.51 26.65 -17.46
CA ASN D 145 31.77 26.59 -16.72
C ASN D 145 31.89 25.31 -15.90
N SER D 146 31.27 24.23 -16.38
CA SER D 146 31.35 22.97 -15.66
C SER D 146 32.79 22.50 -15.58
N GLN D 147 33.09 21.74 -14.54
CA GLN D 147 34.42 21.13 -14.43
C GLN D 147 34.67 20.24 -15.65
N GLN D 148 35.94 20.13 -16.04
CA GLN D 148 36.28 19.54 -17.33
C GLN D 148 35.74 18.11 -17.50
N LYS D 149 35.74 17.32 -16.43
CA LYS D 149 35.23 15.94 -16.52
C LYS D 149 33.73 15.88 -16.80
N LYS D 150 33.01 16.98 -16.59
CA LYS D 150 31.59 17.10 -16.87
C LYS D 150 31.30 18.09 -18.01
N LEU D 151 32.24 18.21 -18.96
CA LEU D 151 32.17 19.20 -20.04
C LEU D 151 32.58 18.50 -21.32
N SER D 152 31.81 18.72 -22.39
CA SER D 152 32.00 17.99 -23.64
C SER D 152 33.09 18.56 -24.53
N THR D 153 33.53 19.76 -24.26
CA THR D 153 34.54 20.48 -25.01
C THR D 153 35.71 20.82 -24.10
N PRO D 154 36.87 21.15 -24.67
CA PRO D 154 37.93 21.71 -23.83
C PRO D 154 37.48 23.00 -23.13
N ALA D 155 37.72 23.07 -21.83
CA ALA D 155 37.27 24.24 -21.10
C ALA D 155 38.02 25.48 -21.56
N GLY D 156 37.31 26.60 -21.61
CA GLY D 156 37.91 27.84 -22.04
C GLY D 156 36.88 28.93 -22.21
N ASP D 157 37.35 30.03 -22.82
CA ASP D 157 36.62 31.28 -22.95
C ASP D 157 35.88 31.29 -24.28
N CYS D 158 34.56 31.31 -24.23
CA CYS D 158 33.71 31.47 -25.41
C CYS D 158 32.89 32.76 -25.37
N SER D 159 33.43 33.79 -24.71
CA SER D 159 32.68 35.02 -24.49
C SER D 159 32.28 35.69 -25.81
N ALA D 160 33.17 35.68 -26.80
CA ALA D 160 32.83 36.38 -28.04
C ALA D 160 31.63 35.73 -28.73
N LEU D 161 31.54 34.41 -28.69
CA LEU D 161 30.41 33.71 -29.31
C LEU D 161 29.13 33.94 -28.52
N ALA D 162 29.22 33.97 -27.20
CA ALA D 162 28.06 34.28 -26.36
C ALA D 162 27.52 35.65 -26.67
N SER D 163 28.40 36.64 -26.75
N SER D 163 28.39 36.65 -26.83
CA SER D 163 27.97 37.99 -27.15
CA SER D 163 27.92 37.99 -27.14
C SER D 163 27.30 37.94 -28.51
C SER D 163 27.36 38.06 -28.56
N GLU D 164 27.98 37.35 -29.50
CA GLU D 164 27.46 37.28 -30.86
C GLU D 164 26.06 36.66 -30.91
N VAL D 165 25.87 35.51 -30.26
CA VAL D 165 24.57 34.84 -30.32
C VAL D 165 23.53 35.68 -29.59
N GLY D 166 23.93 36.37 -28.53
CA GLY D 166 23.01 37.26 -27.86
C GLY D 166 22.52 38.34 -28.80
N GLY D 167 23.41 38.83 -29.67
CA GLY D 167 23.02 39.79 -30.68
C GLY D 167 22.00 39.22 -31.64
N TYR D 168 22.18 37.97 -32.06
CA TYR D 168 21.23 37.37 -32.98
C TYR D 168 19.86 37.22 -32.32
N PHE D 169 19.83 36.79 -31.07
CA PHE D 169 18.53 36.73 -30.38
C PHE D 169 17.91 38.11 -30.26
N ASP D 170 18.75 39.14 -30.04
CA ASP D 170 18.24 40.50 -29.94
C ASP D 170 17.63 40.97 -31.26
N LYS D 171 18.16 40.50 -32.39
CA LYS D 171 17.51 40.79 -33.67
C LYS D 171 16.13 40.18 -33.73
N VAL D 172 16.01 38.94 -33.26
CA VAL D 172 14.70 38.29 -33.23
C VAL D 172 13.74 39.08 -32.36
N SER D 173 14.18 39.43 -31.15
CA SER D 173 13.29 40.12 -30.21
C SER D 173 12.84 41.44 -30.78
N SER D 174 13.77 42.15 -31.43
CA SER D 174 13.43 43.44 -32.01
C SER D 174 12.39 43.29 -33.10
N ALA D 175 12.59 42.30 -33.99
CA ALA D 175 11.68 42.12 -35.10
C ALA D 175 10.30 41.73 -34.63
N LEU D 176 10.17 41.00 -33.52
CA LEU D 176 8.89 40.43 -33.12
C LEU D 176 8.17 41.27 -32.07
N PHE E 3 -17.50 -15.68 50.45
CA PHE E 3 -17.21 -15.67 49.03
C PHE E 3 -15.70 -15.65 48.86
N ASP E 4 -15.13 -16.75 48.38
CA ASP E 4 -13.68 -16.93 48.29
C ASP E 4 -13.20 -17.13 46.86
N GLY E 5 -14.05 -16.89 45.87
CA GLY E 5 -13.63 -17.05 44.49
C GLY E 5 -13.41 -18.47 44.02
N LEU E 6 -13.84 -19.47 44.79
CA LEU E 6 -13.62 -20.87 44.42
C LEU E 6 -14.83 -21.42 43.68
N ALA E 7 -14.58 -22.27 42.69
CA ALA E 7 -15.66 -22.86 41.91
C ALA E 7 -15.27 -24.27 41.52
N PRO E 8 -16.25 -25.14 41.25
CA PRO E 8 -15.93 -26.52 40.87
C PRO E 8 -15.53 -26.60 39.40
N TYR E 9 -14.30 -27.04 39.17
CA TYR E 9 -13.83 -27.34 37.82
C TYR E 9 -14.15 -28.80 37.53
N VAL E 10 -15.04 -29.00 36.57
CA VAL E 10 -15.44 -30.32 36.14
C VAL E 10 -14.74 -30.59 34.82
N GLU E 11 -14.13 -31.78 34.71
CA GLU E 11 -13.37 -32.16 33.52
C GLU E 11 -13.90 -33.51 33.07
N THR E 12 -14.17 -33.64 31.77
CA THR E 12 -14.77 -34.84 31.19
C THR E 12 -13.77 -35.43 30.20
N PHE E 13 -13.21 -36.57 30.56
CA PHE E 13 -12.22 -37.26 29.72
C PHE E 13 -12.88 -38.45 29.05
N ASN E 14 -13.29 -38.29 27.80
CA ASN E 14 -13.78 -39.39 26.98
C ASN E 14 -12.62 -39.81 26.10
N ASN E 15 -11.79 -40.75 26.60
CA ASN E 15 -10.48 -41.02 25.99
C ASN E 15 -10.38 -42.46 25.48
N ARG E 16 -11.46 -42.96 24.90
CA ARG E 16 -11.41 -44.26 24.26
C ARG E 16 -10.35 -44.23 23.17
N GLY E 17 -9.42 -45.18 23.23
CA GLY E 17 -8.34 -45.27 22.26
C GLY E 17 -7.09 -44.47 22.56
N CYS E 18 -7.06 -43.74 23.67
CA CYS E 18 -5.93 -42.88 24.01
C CYS E 18 -4.84 -43.73 24.64
N GLU E 19 -3.66 -43.75 24.04
CA GLU E 19 -2.58 -44.61 24.51
C GLU E 19 -1.82 -44.02 25.70
N PHE E 20 -2.14 -42.80 26.11
CA PHE E 20 -1.45 -42.16 27.23
C PHE E 20 -1.82 -42.87 28.54
N PRO E 21 -0.86 -43.00 29.47
CA PRO E 21 -1.15 -43.72 30.71
C PRO E 21 -2.29 -43.08 31.48
N LYS E 22 -3.12 -43.92 32.09
CA LYS E 22 -4.29 -43.45 32.84
C LYS E 22 -3.89 -43.13 34.27
N SER E 23 -4.12 -41.89 34.69
CA SER E 23 -3.86 -41.48 36.07
C SER E 23 -5.08 -40.78 36.63
N GLY E 24 -5.41 -41.08 37.89
CA GLY E 24 -6.49 -40.39 38.55
C GLY E 24 -7.47 -41.31 39.24
N TYR E 25 -8.22 -42.07 38.46
CA TYR E 25 -9.21 -42.97 39.01
C TYR E 25 -8.54 -44.19 39.63
N GLU E 26 -8.97 -44.53 40.86
CA GLU E 26 -8.38 -45.66 41.58
C GLU E 26 -9.33 -46.80 41.91
N GLY E 27 -10.54 -46.79 41.37
CA GLY E 27 -11.52 -47.78 41.73
C GLY E 27 -11.58 -48.99 40.82
N PRO E 28 -12.64 -49.78 40.97
CA PRO E 28 -12.79 -51.01 40.19
C PRO E 28 -13.01 -50.74 38.71
N ALA E 29 -12.61 -51.71 37.88
CA ALA E 29 -12.83 -51.65 36.45
C ALA E 29 -14.29 -51.99 36.10
N SER E 30 -14.75 -51.35 35.04
CA SER E 30 -16.07 -51.64 34.51
C SER E 30 -16.05 -52.78 33.53
N ASN E 31 -14.89 -53.13 32.99
CA ASN E 31 -14.74 -54.17 31.97
C ASN E 31 -15.41 -53.77 30.66
N ASP E 32 -15.45 -52.47 30.39
CA ASP E 32 -15.98 -51.94 29.15
C ASP E 32 -15.34 -50.58 28.92
N ASP E 33 -15.88 -49.82 27.98
CA ASP E 33 -15.24 -48.59 27.56
C ASP E 33 -15.18 -47.53 28.66
N ASN E 34 -15.95 -47.69 29.75
CA ASN E 34 -15.84 -46.73 30.84
C ASN E 34 -14.46 -46.75 31.46
N ASP E 35 -13.68 -47.81 31.25
CA ASP E 35 -12.32 -47.89 31.75
C ASP E 35 -11.41 -46.92 31.02
N GLU E 36 -11.92 -46.31 29.96
CA GLU E 36 -11.19 -45.33 29.16
C GLU E 36 -11.81 -43.95 29.28
N MET E 37 -12.67 -43.73 30.29
N MET E 37 -12.66 -43.75 30.30
CA MET E 37 -13.35 -42.46 30.48
CA MET E 37 -13.36 -42.49 30.53
C MET E 37 -13.36 -42.12 31.96
C MET E 37 -13.21 -42.11 31.99
N CYS E 38 -13.33 -40.82 32.26
CA CYS E 38 -13.21 -40.36 33.63
C CYS E 38 -13.76 -38.96 33.74
N VAL E 39 -14.44 -38.68 34.86
CA VAL E 39 -14.82 -37.33 35.22
C VAL E 39 -14.00 -36.91 36.43
N LYS E 40 -13.46 -35.68 36.38
CA LYS E 40 -12.65 -35.14 37.47
C LYS E 40 -13.34 -33.89 38.01
N VAL E 41 -13.40 -33.75 39.31
CA VAL E 41 -13.96 -32.56 39.95
C VAL E 41 -12.98 -32.07 41.00
N SER E 42 -12.72 -30.76 41.01
CA SER E 42 -11.90 -30.12 42.05
C SER E 42 -12.36 -28.66 42.19
N MET E 43 -12.13 -28.09 43.38
CA MET E 43 -12.37 -26.68 43.65
C MET E 43 -11.09 -25.89 43.48
N LEU E 44 -11.15 -24.88 42.62
CA LEU E 44 -10.00 -24.01 42.37
C LEU E 44 -10.50 -22.56 42.33
N ARG E 45 -9.56 -21.64 42.61
CA ARG E 45 -9.87 -20.21 42.53
C ARG E 45 -9.89 -19.78 41.08
N VAL E 46 -11.02 -19.23 40.64
CA VAL E 46 -11.14 -18.67 39.31
C VAL E 46 -10.49 -17.29 39.29
N LYS E 47 -9.52 -17.11 38.39
CA LYS E 47 -8.80 -15.86 38.27
C LYS E 47 -8.87 -15.33 36.85
N VAL E 48 -8.95 -14.01 36.73
CA VAL E 48 -8.87 -13.34 35.43
C VAL E 48 -7.85 -12.23 35.55
N SER E 49 -6.93 -12.15 34.60
CA SER E 49 -5.89 -11.14 34.63
C SER E 49 -6.44 -9.80 34.12
N GLN E 50 -5.86 -8.72 34.63
CA GLN E 50 -6.21 -7.41 34.12
C GLN E 50 -5.79 -7.27 32.66
N SER E 51 -4.73 -7.96 32.24
N SER E 51 -4.72 -7.96 32.24
CA SER E 51 -4.32 -7.91 30.84
CA SER E 51 -4.32 -7.91 30.83
C SER E 51 -5.37 -8.54 29.93
C SER E 51 -5.39 -8.53 29.94
N TYR E 52 -5.88 -9.72 30.29
CA TYR E 52 -6.97 -10.30 29.51
C TYR E 52 -8.20 -9.41 29.54
N ALA E 53 -8.54 -8.86 30.71
CA ALA E 53 -9.69 -7.96 30.77
C ALA E 53 -9.52 -6.78 29.82
N ALA E 54 -8.33 -6.22 29.75
CA ALA E 54 -8.11 -5.10 28.83
C ALA E 54 -8.27 -5.55 27.38
N LYS E 55 -7.80 -6.77 27.06
CA LYS E 55 -8.05 -7.29 25.72
C LYS E 55 -9.54 -7.40 25.45
N GLN E 56 -10.30 -7.89 26.44
CA GLN E 56 -11.74 -8.05 26.24
C GLN E 56 -12.44 -6.70 26.05
N ILE E 57 -12.06 -5.70 26.84
CA ILE E 57 -12.64 -4.37 26.68
C ILE E 57 -12.42 -3.88 25.26
N GLN E 58 -11.20 -4.04 24.75
CA GLN E 58 -10.94 -3.58 23.38
C GLN E 58 -11.78 -4.38 22.41
N GLN E 59 -11.88 -5.68 22.62
CA GLN E 59 -12.58 -6.53 21.67
C GLN E 59 -14.06 -6.20 21.61
N PHE E 60 -14.62 -5.75 22.73
CA PHE E 60 -16.04 -5.47 22.84
C PHE E 60 -16.40 -4.08 22.34
N SER E 61 -15.41 -3.21 22.14
CA SER E 61 -15.61 -1.79 21.94
C SER E 61 -16.15 -1.41 20.57
N GLY E 62 -16.29 -2.37 19.64
CA GLY E 62 -17.03 -2.11 18.41
C GLY E 62 -18.53 -2.10 18.59
N PHE E 63 -19.02 -2.74 19.65
CA PHE E 63 -20.44 -2.75 19.99
C PHE E 63 -21.34 -3.17 18.84
N LYS E 64 -20.82 -3.97 17.90
N LYS E 64 -20.83 -4.00 17.92
CA LYS E 64 -21.59 -4.24 16.68
CA LYS E 64 -21.63 -4.30 16.74
C LYS E 64 -21.49 -5.68 16.19
C LYS E 64 -21.50 -5.74 16.25
N GLU E 65 -20.28 -6.22 16.05
CA GLU E 65 -20.11 -7.55 15.48
C GLU E 65 -20.29 -8.64 16.53
N SER E 66 -21.23 -9.55 16.26
CA SER E 66 -21.43 -10.72 17.08
C SER E 66 -20.60 -11.87 16.53
N GLY E 67 -20.73 -13.05 17.17
CA GLY E 67 -20.36 -14.29 16.54
C GLY E 67 -21.30 -14.63 15.39
N ILE E 68 -21.08 -15.79 14.79
CA ILE E 68 -21.82 -16.16 13.60
C ILE E 68 -23.19 -16.72 13.98
N ASP E 69 -24.23 -16.23 13.29
CA ASP E 69 -25.56 -16.84 13.27
C ASP E 69 -26.23 -16.81 14.65
N VAL E 70 -26.26 -15.63 15.24
CA VAL E 70 -26.90 -15.41 16.54
C VAL E 70 -27.73 -14.13 16.51
N LYS E 71 -28.67 -14.05 17.45
CA LYS E 71 -29.54 -12.88 17.58
C LYS E 71 -28.71 -11.62 17.85
N GLN E 72 -29.16 -10.50 17.30
CA GLN E 72 -28.48 -9.21 17.43
C GLN E 72 -29.22 -8.35 18.46
N ILE E 73 -28.48 -7.87 19.47
CA ILE E 73 -29.10 -7.08 20.53
C ILE E 73 -28.37 -5.76 20.79
N SER E 74 -27.43 -5.42 19.92
CA SER E 74 -26.61 -4.24 20.15
C SER E 74 -27.44 -2.97 20.06
N ASN E 75 -26.97 -1.93 20.77
CA ASN E 75 -27.63 -0.64 20.81
C ASN E 75 -26.59 0.46 20.64
N VAL E 76 -27.08 1.65 20.25
CA VAL E 76 -26.24 2.85 20.21
C VAL E 76 -26.65 3.89 21.24
N LYS E 77 -27.65 3.60 22.06
CA LYS E 77 -28.07 4.45 23.17
C LYS E 77 -27.93 3.68 24.47
N LYS E 78 -27.70 4.42 25.57
CA LYS E 78 -27.62 3.81 26.89
C LYS E 78 -29.01 3.38 27.34
N ILE E 79 -29.14 2.12 27.75
CA ILE E 79 -30.45 1.61 28.16
C ILE E 79 -30.62 1.47 29.67
N TYR E 80 -29.55 1.50 30.46
CA TYR E 80 -29.66 1.51 31.92
C TYR E 80 -28.33 1.95 32.54
N MET F 1 -17.26 -39.30 56.10
CA MET F 1 -18.74 -39.22 56.05
C MET F 1 -19.27 -38.75 54.69
N LEU F 2 -18.82 -37.59 54.20
CA LEU F 2 -19.44 -36.99 53.02
C LEU F 2 -19.21 -37.85 51.78
N ASP F 3 -20.10 -37.69 50.79
CA ASP F 3 -19.89 -38.35 49.51
C ASP F 3 -18.70 -37.74 48.77
N ALA F 4 -18.23 -38.45 47.75
CA ALA F 4 -16.94 -38.11 47.11
C ALA F 4 -16.91 -36.69 46.54
N PHE F 5 -17.98 -36.28 45.86
CA PHE F 5 -18.00 -34.93 45.30
C PHE F 5 -18.15 -33.88 46.40
N SER F 6 -19.06 -34.10 47.34
CA SER F 6 -19.21 -33.13 48.41
C SER F 6 -17.91 -32.97 49.19
N LYS F 7 -17.15 -34.07 49.35
CA LYS F 7 -15.88 -33.98 50.06
C LYS F 7 -14.98 -32.93 49.44
N VAL F 8 -14.85 -32.94 48.11
CA VAL F 8 -13.90 -32.00 47.49
C VAL F 8 -14.52 -30.61 47.35
N ILE F 9 -15.84 -30.50 47.23
CA ILE F 9 -16.46 -29.17 47.28
C ILE F 9 -16.21 -28.54 48.65
N THR F 10 -16.38 -29.34 49.72
CA THR F 10 -16.26 -28.81 51.07
C THR F 10 -14.81 -28.50 51.43
N SER F 11 -13.88 -29.39 51.05
CA SER F 11 -12.48 -29.17 51.39
C SER F 11 -11.96 -27.91 50.72
N ALA F 12 -12.44 -27.62 49.50
CA ALA F 12 -12.25 -26.31 48.88
C ALA F 12 -10.76 -25.96 48.82
N ASP F 13 -9.93 -26.96 48.48
CA ASP F 13 -8.48 -26.80 48.55
C ASP F 13 -7.76 -27.43 47.36
N GLY F 14 -8.48 -27.74 46.28
CA GLY F 14 -7.87 -28.29 45.09
C GLY F 14 -7.76 -29.79 45.04
N LYS F 15 -8.08 -30.48 46.15
CA LYS F 15 -8.21 -31.92 46.10
C LYS F 15 -9.22 -32.30 45.02
N ALA F 16 -8.93 -33.38 44.29
CA ALA F 16 -9.79 -33.83 43.22
C ALA F 16 -10.42 -35.19 43.49
N ALA F 17 -11.63 -35.37 42.98
CA ALA F 17 -12.30 -36.66 42.91
C ALA F 17 -12.29 -37.12 41.46
N TYR F 18 -11.98 -38.40 41.26
CA TYR F 18 -11.91 -39.00 39.94
C TYR F 18 -12.91 -40.15 39.86
N VAL F 19 -13.80 -40.08 38.88
CA VAL F 19 -14.88 -41.07 38.69
C VAL F 19 -14.70 -41.64 37.29
N GLY F 20 -14.09 -42.82 37.20
CA GLY F 20 -13.93 -43.52 35.94
C GLY F 20 -14.36 -44.96 36.11
N GLY F 21 -14.17 -45.79 35.09
CA GLY F 21 -14.37 -47.21 35.26
C GLY F 21 -15.73 -47.54 35.82
N ALA F 22 -15.76 -48.49 36.75
CA ALA F 22 -17.04 -48.95 37.29
C ALA F 22 -17.74 -47.85 38.07
N ASP F 23 -17.00 -46.98 38.75
CA ASP F 23 -17.66 -45.86 39.46
C ASP F 23 -18.40 -44.97 38.47
N LEU F 24 -17.81 -44.74 37.29
CA LEU F 24 -18.45 -43.90 36.28
C LEU F 24 -19.65 -44.62 35.66
N GLN F 25 -19.51 -45.91 35.33
CA GLN F 25 -20.64 -46.67 34.84
C GLN F 25 -21.79 -46.62 35.83
N ALA F 26 -21.50 -46.73 37.13
CA ALA F 26 -22.54 -46.67 38.15
C ALA F 26 -23.12 -45.26 38.25
N LEU F 27 -22.27 -44.24 38.25
CA LEU F 27 -22.78 -42.88 38.29
C LEU F 27 -23.82 -42.67 37.20
N LYS F 28 -23.52 -43.14 35.99
CA LYS F 28 -24.43 -42.95 34.87
C LYS F 28 -25.71 -43.77 34.98
N LYS F 29 -25.75 -44.75 35.88
CA LYS F 29 -26.99 -45.46 36.20
C LYS F 29 -27.84 -44.73 37.25
N PHE F 30 -27.22 -43.89 38.06
CA PHE F 30 -27.90 -43.24 39.16
C PHE F 30 -28.38 -41.84 38.82
N VAL F 31 -27.90 -41.25 37.74
CA VAL F 31 -28.41 -39.99 37.23
C VAL F 31 -29.13 -40.27 35.92
N SER F 32 -30.09 -39.43 35.57
N SER F 32 -30.07 -39.40 35.57
CA SER F 32 -30.82 -39.64 34.35
CA SER F 32 -30.83 -39.57 34.34
C SER F 32 -29.95 -39.31 33.15
C SER F 32 -29.95 -39.28 33.13
N GLU F 33 -30.08 -40.13 32.11
CA GLU F 33 -29.39 -39.96 30.84
C GLU F 33 -27.90 -39.71 31.01
N GLY F 34 -27.25 -40.66 31.69
CA GLY F 34 -25.89 -40.43 32.16
C GLY F 34 -24.92 -40.05 31.07
N ASN F 35 -24.91 -40.81 29.96
CA ASN F 35 -23.93 -40.50 28.92
C ASN F 35 -24.22 -39.14 28.29
N LYS F 36 -25.47 -38.86 27.97
CA LYS F 36 -25.82 -37.58 27.39
C LYS F 36 -25.53 -36.45 28.38
N ARG F 37 -25.76 -36.71 29.66
CA ARG F 37 -25.45 -35.71 30.67
C ARG F 37 -23.96 -35.37 30.68
N MET F 38 -23.10 -36.38 30.49
CA MET F 38 -21.67 -36.14 30.48
C MET F 38 -21.29 -35.32 29.24
N ASP F 39 -21.91 -35.62 28.10
CA ASP F 39 -21.67 -34.81 26.91
C ASP F 39 -22.16 -33.38 27.11
N SER F 40 -23.26 -33.20 27.86
N SER F 40 -23.24 -33.20 27.87
CA SER F 40 -23.77 -31.87 28.08
CA SER F 40 -23.77 -31.85 28.07
C SER F 40 -22.82 -31.05 28.95
C SER F 40 -22.89 -31.04 29.01
N VAL F 41 -22.27 -31.69 30.00
CA VAL F 41 -21.26 -31.03 30.81
C VAL F 41 -20.04 -30.68 29.98
N ASN F 42 -19.59 -31.61 29.13
CA ASN F 42 -18.46 -31.38 28.23
C ASN F 42 -18.70 -30.15 27.37
N ALA F 43 -19.94 -29.97 26.91
CA ALA F 43 -20.28 -28.81 26.07
C ALA F 43 -20.13 -27.49 26.80
N ILE F 44 -20.25 -27.49 28.11
CA ILE F 44 -19.97 -26.31 28.89
C ILE F 44 -18.48 -26.12 29.09
N VAL F 45 -17.81 -27.15 29.63
CA VAL F 45 -16.45 -26.92 30.14
C VAL F 45 -15.44 -26.78 29.00
N SER F 46 -15.70 -27.37 27.85
CA SER F 46 -14.79 -27.22 26.72
C SER F 46 -15.04 -25.94 25.94
N ASN F 47 -16.07 -25.18 26.30
CA ASN F 47 -16.36 -23.89 25.68
C ASN F 47 -16.39 -22.77 26.71
N ALA F 48 -15.79 -23.01 27.89
CA ALA F 48 -15.97 -22.07 28.99
C ALA F 48 -15.51 -20.67 28.62
N SER F 49 -14.34 -20.55 28.00
CA SER F 49 -13.81 -19.21 27.73
C SER F 49 -14.68 -18.44 26.74
N CYS F 50 -15.15 -19.09 25.67
CA CYS F 50 -15.96 -18.35 24.72
C CYS F 50 -17.35 -18.06 25.26
N ILE F 51 -17.91 -18.96 26.08
CA ILE F 51 -19.21 -18.68 26.68
C ILE F 51 -19.14 -17.42 27.53
N VAL F 52 -18.11 -17.30 28.35
CA VAL F 52 -17.96 -16.14 29.21
C VAL F 52 -17.79 -14.89 28.34
N SER F 53 -16.88 -14.94 27.37
CA SER F 53 -16.61 -13.76 26.56
CA SER F 53 -16.59 -13.78 26.53
C SER F 53 -17.83 -13.33 25.77
N ASP F 54 -18.54 -14.27 25.17
CA ASP F 54 -19.69 -13.90 24.36
C ASP F 54 -20.81 -13.33 25.22
N SER F 55 -20.99 -13.87 26.42
N SER F 55 -20.97 -13.85 26.43
CA SER F 55 -22.05 -13.39 27.29
CA SER F 55 -22.06 -13.40 27.29
C SER F 55 -21.77 -11.96 27.75
C SER F 55 -21.80 -11.99 27.83
N VAL F 56 -20.55 -11.72 28.23
CA VAL F 56 -20.22 -10.38 28.68
C VAL F 56 -20.19 -9.42 27.50
N SER F 57 -19.66 -9.86 26.35
CA SER F 57 -19.63 -9.00 25.16
C SER F 57 -21.04 -8.59 24.77
N GLY F 58 -21.99 -9.52 24.83
CA GLY F 58 -23.35 -9.20 24.46
C GLY F 58 -24.02 -8.25 25.43
N MET F 59 -23.71 -8.41 26.74
CA MET F 59 -24.21 -7.44 27.70
C MET F 59 -23.67 -6.05 27.36
N VAL F 60 -22.40 -5.98 26.93
CA VAL F 60 -21.80 -4.68 26.61
C VAL F 60 -22.34 -4.10 25.28
N CYS F 61 -22.49 -4.93 24.23
CA CYS F 61 -22.99 -4.33 23.00
C CYS F 61 -24.45 -3.87 23.15
N GLU F 62 -25.23 -4.56 24.00
CA GLU F 62 -26.57 -4.09 24.30
C GLU F 62 -26.54 -2.77 25.08
N ASN F 63 -25.56 -2.59 25.97
CA ASN F 63 -25.44 -1.36 26.76
C ASN F 63 -23.99 -0.91 26.80
N PRO F 64 -23.54 -0.21 25.75
CA PRO F 64 -22.12 0.17 25.69
C PRO F 64 -21.65 1.02 26.85
N SER F 65 -22.56 1.69 27.55
CA SER F 65 -22.16 2.54 28.66
C SER F 65 -21.49 1.74 29.79
N LEU F 66 -21.61 0.41 29.78
CA LEU F 66 -20.94 -0.41 30.78
C LEU F 66 -19.43 -0.27 30.69
N ILE F 67 -18.89 0.12 29.54
CA ILE F 67 -17.46 0.39 29.43
C ILE F 67 -17.17 1.86 29.16
N ALA F 68 -18.13 2.75 29.44
CA ALA F 68 -17.86 4.17 29.52
C ALA F 68 -17.33 4.48 30.92
N PRO F 69 -16.64 5.61 31.09
CA PRO F 69 -16.22 6.02 32.44
C PRO F 69 -17.38 5.92 33.42
N ASN F 70 -17.10 5.34 34.59
CA ASN F 70 -18.08 5.09 35.64
C ASN F 70 -19.08 4.01 35.29
N GLY F 71 -18.87 3.29 34.17
CA GLY F 71 -19.66 2.11 33.90
C GLY F 71 -19.24 0.93 34.75
N GLY F 72 -20.12 -0.06 34.79
CA GLY F 72 -19.91 -1.21 35.66
C GLY F 72 -18.63 -1.98 35.41
N VAL F 73 -18.14 -1.98 34.17
CA VAL F 73 -16.94 -2.77 33.84
C VAL F 73 -15.93 -1.93 33.03
N TYR F 74 -15.77 -0.66 33.43
CA TYR F 74 -14.94 0.26 32.67
C TYR F 74 -13.45 0.04 32.90
N THR F 75 -13.06 -0.30 34.12
CA THR F 75 -11.65 -0.50 34.44
C THR F 75 -11.29 -1.95 34.18
N ASN F 76 -9.99 -2.17 33.94
CA ASN F 76 -9.52 -3.55 33.79
C ASN F 76 -9.84 -4.39 35.03
N ARG F 77 -9.69 -3.80 36.21
CA ARG F 77 -9.98 -4.55 37.44
C ARG F 77 -11.44 -4.96 37.48
N LYS F 78 -12.34 -4.04 37.10
CA LYS F 78 -13.76 -4.35 37.18
C LYS F 78 -14.15 -5.37 36.11
N MET F 79 -13.68 -5.17 34.88
CA MET F 79 -13.90 -6.17 33.85
C MET F 79 -13.41 -7.55 34.27
N ALA F 80 -12.19 -7.60 34.83
CA ALA F 80 -11.65 -8.89 35.25
C ALA F 80 -12.56 -9.56 36.24
N ALA F 81 -13.06 -8.79 37.22
CA ALA F 81 -13.95 -9.37 38.23
C ALA F 81 -15.23 -9.88 37.58
N CYS F 82 -15.77 -9.12 36.62
CA CYS F 82 -17.01 -9.53 35.97
C CYS F 82 -16.83 -10.79 35.16
N LEU F 83 -15.77 -10.85 34.34
CA LEU F 83 -15.47 -12.07 33.60
C LEU F 83 -15.28 -13.24 34.56
N ARG F 84 -14.59 -13.00 35.66
CA ARG F 84 -14.38 -14.04 36.65
C ARG F 84 -15.72 -14.53 37.19
N ASP F 85 -16.60 -13.60 37.56
CA ASP F 85 -17.89 -14.02 38.14
C ASP F 85 -18.70 -14.82 37.15
N ALA F 86 -18.70 -14.39 35.89
CA ALA F 86 -19.44 -15.14 34.85
C ALA F 86 -18.94 -16.57 34.77
N GLU F 87 -17.63 -16.76 34.82
CA GLU F 87 -17.04 -18.10 34.80
C GLU F 87 -17.40 -18.89 36.06
N ILE F 88 -17.30 -18.25 37.23
CA ILE F 88 -17.66 -18.92 38.49
C ILE F 88 -19.07 -19.46 38.38
N ILE F 89 -20.00 -18.61 37.98
CA ILE F 89 -21.39 -19.02 37.88
C ILE F 89 -21.53 -20.15 36.87
N LEU F 90 -20.90 -20.00 35.71
CA LEU F 90 -20.95 -21.05 34.70
C LEU F 90 -20.47 -22.37 35.26
N ARG F 91 -19.39 -22.33 36.05
CA ARG F 91 -18.83 -23.58 36.60
C ARG F 91 -19.75 -24.19 37.64
N TYR F 92 -20.38 -23.38 38.49
CA TYR F 92 -21.36 -23.96 39.40
C TYR F 92 -22.54 -24.56 38.65
N VAL F 93 -22.93 -23.97 37.52
CA VAL F 93 -23.99 -24.58 36.73
C VAL F 93 -23.52 -25.90 36.12
N SER F 94 -22.27 -25.97 35.69
CA SER F 94 -21.74 -27.22 35.15
C SER F 94 -21.77 -28.34 36.18
N TYR F 95 -21.43 -28.03 37.43
CA TYR F 95 -21.46 -29.04 38.48
C TYR F 95 -22.90 -29.43 38.81
N SER F 96 -23.83 -28.48 38.76
CA SER F 96 -25.23 -28.80 38.96
C SER F 96 -25.69 -29.80 37.90
N LEU F 97 -25.23 -29.64 36.66
CA LEU F 97 -25.66 -30.53 35.58
C LEU F 97 -25.00 -31.88 35.72
N LEU F 98 -23.75 -31.91 36.19
CA LEU F 98 -23.10 -33.18 36.48
C LEU F 98 -23.85 -33.96 37.54
N SER F 99 -24.26 -33.27 38.60
CA SER F 99 -24.80 -33.90 39.79
C SER F 99 -26.32 -34.02 39.77
N GLY F 100 -26.96 -33.32 38.85
CA GLY F 100 -28.41 -33.36 38.75
C GLY F 100 -29.10 -32.62 39.87
N ASP F 101 -28.42 -31.68 40.51
CA ASP F 101 -28.95 -30.99 41.67
C ASP F 101 -28.29 -29.62 41.76
N SER F 102 -29.06 -28.64 42.25
CA SER F 102 -28.60 -27.26 42.31
C SER F 102 -28.23 -26.81 43.72
N SER F 103 -28.17 -27.74 44.68
CA SER F 103 -27.99 -27.32 46.07
C SER F 103 -26.67 -26.59 46.27
N VAL F 104 -25.58 -27.07 45.66
CA VAL F 104 -24.30 -26.39 45.81
C VAL F 104 -24.32 -25.00 45.16
N LEU F 105 -24.85 -24.94 43.94
CA LEU F 105 -25.04 -23.66 43.29
C LEU F 105 -25.77 -22.69 44.22
N GLU F 106 -26.89 -23.13 44.79
CA GLU F 106 -27.69 -22.20 45.59
C GLU F 106 -27.01 -21.87 46.91
N ASP F 107 -26.37 -22.86 47.53
CA ASP F 107 -25.83 -22.69 48.88
C ASP F 107 -24.50 -21.96 48.86
N ARG F 108 -23.63 -22.27 47.88
CA ARG F 108 -22.26 -21.77 47.89
C ARG F 108 -21.99 -20.67 46.90
N CYS F 109 -22.83 -20.50 45.88
CA CYS F 109 -22.64 -19.45 44.90
C CYS F 109 -23.69 -18.35 45.02
N LEU F 110 -24.98 -18.70 45.07
CA LEU F 110 -26.04 -17.70 44.99
C LEU F 110 -26.42 -17.07 46.33
N ASN F 111 -26.28 -17.80 47.45
CA ASN F 111 -26.71 -17.27 48.74
C ASN F 111 -25.91 -16.03 49.11
N GLY F 112 -26.60 -14.90 49.25
CA GLY F 112 -25.99 -13.62 49.53
C GLY F 112 -25.45 -12.86 48.33
N LEU F 113 -25.50 -13.45 47.14
CA LEU F 113 -24.85 -12.82 45.98
C LEU F 113 -25.55 -11.53 45.57
N LYS F 114 -26.89 -11.53 45.57
CA LYS F 114 -27.63 -10.31 45.23
C LYS F 114 -27.23 -9.16 46.15
N GLU F 115 -27.15 -9.43 47.45
CA GLU F 115 -26.81 -8.40 48.41
C GLU F 115 -25.38 -7.93 48.20
N THR F 116 -24.50 -8.86 47.87
CA THR F 116 -23.11 -8.49 47.60
C THR F 116 -23.03 -7.55 46.39
N TYR F 117 -23.75 -7.88 45.32
CA TYR F 117 -23.69 -7.02 44.13
C TYR F 117 -24.28 -5.63 44.45
N ALA F 118 -25.33 -5.56 45.26
CA ALA F 118 -25.86 -4.25 45.61
C ALA F 118 -24.83 -3.44 46.37
N SER F 119 -24.11 -4.06 47.30
CA SER F 119 -23.13 -3.31 48.08
C SER F 119 -22.00 -2.79 47.23
N LEU F 120 -21.74 -3.42 46.08
CA LEU F 120 -20.71 -3.01 45.13
C LEU F 120 -21.24 -2.14 44.00
N GLY F 121 -22.55 -1.93 43.92
CA GLY F 121 -23.13 -1.20 42.82
C GLY F 121 -23.04 -1.88 41.47
N VAL F 122 -23.12 -3.21 41.44
CA VAL F 122 -23.08 -3.95 40.18
C VAL F 122 -24.49 -3.96 39.57
N PRO F 123 -24.64 -3.62 38.30
CA PRO F 123 -26.00 -3.45 37.74
C PRO F 123 -26.69 -4.79 37.52
N ALA F 124 -27.85 -4.94 38.18
CA ALA F 124 -28.64 -6.15 38.06
C ALA F 124 -29.02 -6.44 36.61
N ALA F 125 -29.31 -5.38 35.84
CA ALA F 125 -29.70 -5.58 34.45
C ALA F 125 -28.55 -6.18 33.64
N GLY F 126 -27.32 -5.78 33.94
CA GLY F 126 -26.18 -6.38 33.28
C GLY F 126 -26.02 -7.84 33.62
N ASN F 127 -26.16 -8.17 34.90
CA ASN F 127 -26.13 -9.58 35.30
C ASN F 127 -27.21 -10.35 34.55
N ALA F 128 -28.39 -9.76 34.42
CA ALA F 128 -29.51 -10.49 33.83
C ALA F 128 -29.24 -10.83 32.37
N ARG F 129 -28.65 -9.88 31.62
CA ARG F 129 -28.32 -10.16 30.22
C ARG F 129 -27.20 -11.17 30.10
N THR F 130 -26.15 -11.02 30.92
CA THR F 130 -25.04 -11.97 30.85
C THR F 130 -25.55 -13.39 31.08
N ILE F 131 -26.40 -13.59 32.09
CA ILE F 131 -26.94 -14.91 32.37
C ILE F 131 -27.77 -15.41 31.20
N SER F 132 -28.62 -14.56 30.63
CA SER F 132 -29.51 -15.02 29.56
C SER F 132 -28.69 -15.48 28.35
N ILE F 133 -27.59 -14.79 28.06
CA ILE F 133 -26.79 -15.20 26.92
C ILE F 133 -26.05 -16.48 27.25
N MET F 134 -25.50 -16.59 28.47
N MET F 134 -25.49 -16.57 28.45
CA MET F 134 -24.82 -17.82 28.86
CA MET F 134 -24.83 -17.80 28.87
C MET F 134 -25.76 -19.02 28.77
C MET F 134 -25.78 -18.99 28.71
N LYS F 135 -27.02 -18.82 29.16
CA LYS F 135 -28.02 -19.90 29.10
C LYS F 135 -28.28 -20.29 27.65
N ALA F 136 -28.46 -19.31 26.78
CA ALA F 136 -28.70 -19.61 25.36
C ALA F 136 -27.50 -20.31 24.73
N THR F 137 -26.30 -19.85 25.06
CA THR F 137 -25.09 -20.40 24.46
C THR F 137 -24.91 -21.86 24.88
N VAL F 138 -25.07 -22.14 26.18
CA VAL F 138 -24.94 -23.50 26.67
C VAL F 138 -25.99 -24.40 26.03
N ILE F 139 -27.25 -23.97 26.00
CA ILE F 139 -28.28 -24.78 25.37
C ILE F 139 -27.94 -25.03 23.89
N GLY F 140 -27.43 -23.99 23.21
CA GLY F 140 -27.02 -24.16 21.82
C GLY F 140 -25.92 -25.21 21.65
N PHE F 141 -24.88 -25.16 22.48
CA PHE F 141 -23.83 -26.16 22.36
C PHE F 141 -24.36 -27.56 22.67
N ILE F 142 -25.16 -27.69 23.73
CA ILE F 142 -25.66 -29.00 24.12
C ILE F 142 -26.43 -29.65 22.98
N THR F 143 -27.27 -28.88 22.31
CA THR F 143 -28.17 -29.39 21.28
C THR F 143 -27.60 -29.28 19.88
N ASN F 144 -26.36 -28.83 19.71
CA ASN F 144 -25.74 -28.62 18.39
C ASN F 144 -26.47 -27.58 17.56
N ASN F 145 -27.15 -26.63 18.21
CA ASN F 145 -27.66 -25.45 17.51
C ASN F 145 -26.59 -24.38 17.31
N SER F 146 -25.36 -24.68 17.69
CA SER F 146 -24.25 -23.75 17.63
C SER F 146 -23.57 -23.81 16.28
N GLN F 147 -22.93 -22.70 15.89
CA GLN F 147 -22.23 -22.70 14.62
C GLN F 147 -21.20 -23.82 14.56
N GLN F 148 -20.38 -23.93 15.59
CA GLN F 148 -19.39 -25.00 15.72
C GLN F 148 -19.98 -26.17 16.48
N LYS F 149 -19.66 -27.38 16.01
CA LYS F 149 -20.09 -28.62 16.66
C LYS F 149 -18.86 -29.51 16.79
N LYS F 150 -17.92 -29.10 17.65
CA LYS F 150 -16.62 -29.77 17.69
C LYS F 150 -16.62 -31.08 18.49
N LEU F 151 -17.63 -31.31 19.32
CA LEU F 151 -17.66 -32.48 20.18
C LEU F 151 -18.58 -33.49 19.53
N SER F 152 -18.03 -34.64 19.13
CA SER F 152 -18.84 -35.63 18.43
C SER F 152 -19.65 -36.44 19.43
N THR F 153 -20.92 -36.63 19.09
CA THR F 153 -21.84 -37.42 19.89
C THR F 153 -22.66 -38.28 18.94
N PRO F 154 -23.14 -39.44 19.41
CA PRO F 154 -24.16 -40.16 18.64
C PRO F 154 -25.36 -39.26 18.42
N ALA F 155 -26.14 -39.57 17.41
CA ALA F 155 -27.33 -38.78 17.11
C ALA F 155 -28.43 -39.11 18.10
N GLY F 156 -29.07 -38.07 18.63
CA GLY F 156 -30.18 -38.28 19.54
C GLY F 156 -30.75 -36.96 20.03
N ASP F 157 -31.70 -37.07 20.95
CA ASP F 157 -32.45 -35.93 21.46
C ASP F 157 -31.90 -35.59 22.85
N CYS F 158 -31.44 -34.35 23.01
CA CYS F 158 -30.93 -33.86 24.30
C CYS F 158 -31.79 -32.74 24.89
N SER F 159 -33.07 -32.66 24.50
CA SER F 159 -33.90 -31.55 24.95
C SER F 159 -34.13 -31.58 26.46
N ALA F 160 -34.23 -32.77 27.08
CA ALA F 160 -34.49 -32.81 28.52
C ALA F 160 -33.34 -32.19 29.28
N LEU F 161 -32.11 -32.50 28.87
CA LEU F 161 -30.95 -31.93 29.56
C LEU F 161 -30.84 -30.44 29.30
N ALA F 162 -31.15 -29.99 28.09
CA ALA F 162 -31.16 -28.56 27.81
C ALA F 162 -32.18 -27.84 28.69
N SER F 163 -33.33 -28.47 28.91
CA SER F 163 -34.31 -27.86 29.79
C SER F 163 -33.82 -27.82 31.22
N GLU F 164 -33.16 -28.89 31.67
CA GLU F 164 -32.67 -28.95 33.03
C GLU F 164 -31.61 -27.90 33.29
N VAL F 165 -30.67 -27.74 32.36
CA VAL F 165 -29.64 -26.73 32.56
C VAL F 165 -30.25 -25.33 32.48
N GLY F 166 -31.26 -25.17 31.63
CA GLY F 166 -32.00 -23.91 31.62
C GLY F 166 -32.57 -23.58 32.99
N GLY F 167 -33.11 -24.58 33.68
CA GLY F 167 -33.62 -24.34 35.02
C GLY F 167 -32.55 -23.87 35.98
N TYR F 168 -31.34 -24.43 35.87
CA TYR F 168 -30.26 -23.99 36.73
C TYR F 168 -29.91 -22.54 36.46
N PHE F 169 -29.87 -22.14 35.19
CA PHE F 169 -29.62 -20.74 34.91
C PHE F 169 -30.76 -19.88 35.40
N ASP F 170 -31.99 -20.37 35.30
CA ASP F 170 -33.12 -19.61 35.82
C ASP F 170 -33.02 -19.44 37.34
N LYS F 171 -32.41 -20.40 38.04
CA LYS F 171 -32.21 -20.20 39.49
C LYS F 171 -31.27 -19.03 39.72
N VAL F 172 -30.23 -18.89 38.88
CA VAL F 172 -29.31 -17.76 39.00
C VAL F 172 -30.04 -16.45 38.74
N SER F 173 -30.79 -16.41 37.64
CA SER F 173 -31.52 -15.19 37.26
C SER F 173 -32.45 -14.77 38.38
N SER F 174 -33.21 -15.72 38.94
CA SER F 174 -34.15 -15.40 40.00
C SER F 174 -33.43 -14.85 41.23
N ALA F 175 -32.29 -15.44 41.58
CA ALA F 175 -31.56 -15.00 42.77
C ALA F 175 -31.01 -13.58 42.60
N LEU F 176 -30.58 -13.25 41.39
CA LEU F 176 -29.98 -11.96 41.12
C LEU F 176 -30.99 -10.93 40.63
N LEU G 6 7.36 -8.39 20.00
CA LEU G 6 6.03 -8.90 20.31
C LEU G 6 4.96 -7.80 20.32
N ARG G 7 5.15 -6.77 19.50
CA ARG G 7 4.11 -5.77 19.32
C ARG G 7 3.33 -6.11 18.05
N ALA G 8 2.06 -5.73 18.03
CA ALA G 8 1.20 -5.98 16.89
C ALA G 8 0.23 -4.82 16.74
N PRO G 9 -0.33 -4.63 15.55
CA PRO G 9 -1.33 -3.58 15.35
C PRO G 9 -2.68 -3.99 15.94
N ILE G 10 -3.14 -3.22 16.91
CA ILE G 10 -4.44 -3.43 17.52
C ILE G 10 -5.42 -2.48 16.84
N ILE G 11 -6.41 -3.04 16.14
N ILE G 11 -6.42 -3.04 16.17
CA ILE G 11 -7.39 -2.27 15.40
CA ILE G 11 -7.40 -2.28 15.39
C ILE G 11 -8.73 -2.34 16.11
C ILE G 11 -8.73 -2.33 16.12
N THR G 12 -9.38 -1.18 16.26
CA THR G 12 -10.74 -1.07 16.76
C THR G 12 -11.56 -0.35 15.70
N VAL G 13 -12.69 -0.93 15.32
CA VAL G 13 -13.56 -0.38 14.29
C VAL G 13 -14.81 0.10 15.00
N PHE G 14 -15.03 1.41 14.97
CA PHE G 14 -16.17 2.04 15.63
C PHE G 14 -17.20 2.47 14.58
N ASP G 15 -18.19 1.63 14.34
CA ASP G 15 -19.36 2.04 13.57
C ASP G 15 -20.30 2.65 14.61
N ALA G 16 -20.15 3.95 14.81
CA ALA G 16 -20.82 4.67 15.90
C ALA G 16 -21.95 5.54 15.39
N ARG G 17 -22.53 5.18 14.26
CA ARG G 17 -23.65 5.95 13.73
C ARG G 17 -24.80 5.89 14.71
N GLY G 18 -25.23 7.06 15.18
CA GLY G 18 -26.30 7.17 16.14
C GLY G 18 -25.87 7.15 17.59
N CYS G 19 -24.58 6.97 17.86
CA CYS G 19 -24.06 6.93 19.23
C CYS G 19 -23.61 8.33 19.63
N ARG G 20 -24.44 9.00 20.44
CA ARG G 20 -24.17 10.38 20.84
C ARG G 20 -23.58 10.50 22.21
N GLU G 21 -23.57 9.43 23.00
CA GLU G 21 -23.11 9.51 24.38
C GLU G 21 -21.61 9.57 24.47
N HIS G 22 -20.91 9.17 23.43
CA HIS G 22 -19.50 9.43 23.31
C HIS G 22 -19.33 10.62 22.37
N LYS G 23 -18.65 11.66 22.84
CA LYS G 23 -18.37 12.80 21.97
C LYS G 23 -17.14 12.49 21.13
N ASN G 24 -17.24 12.76 19.83
CA ASN G 24 -16.26 12.32 18.84
C ASN G 24 -15.11 13.32 18.80
N ARG G 25 -14.22 13.21 19.79
CA ARG G 25 -13.13 14.17 19.98
C ARG G 25 -11.78 13.62 19.54
N GLU G 26 -11.69 12.32 19.22
CA GLU G 26 -10.42 11.68 18.92
C GLU G 26 -9.94 11.96 17.50
N TYR G 27 -10.82 11.82 16.51
CA TYR G 27 -10.47 12.16 15.13
C TYR G 27 -10.54 13.68 14.95
N LYS G 28 -9.43 14.31 14.56
CA LYS G 28 -9.36 15.76 14.47
C LYS G 28 -9.18 16.27 13.04
N GLY G 29 -9.46 15.43 12.06
CA GLY G 29 -9.29 15.83 10.68
C GLY G 29 -10.58 16.37 10.10
N PRO G 30 -10.58 16.61 8.78
CA PRO G 30 -11.76 17.21 8.15
C PRO G 30 -12.97 16.30 8.25
N LYS G 31 -14.15 16.92 8.29
CA LYS G 31 -15.41 16.20 8.34
C LYS G 31 -16.05 16.23 6.95
N THR G 32 -17.06 15.37 6.77
CA THR G 32 -17.75 15.23 5.50
C THR G 32 -19.19 15.72 5.51
N GLY G 33 -19.80 15.86 6.68
CA GLY G 33 -21.24 16.11 6.73
C GLY G 33 -22.07 14.90 6.37
N THR G 34 -21.47 13.71 6.40
CA THR G 34 -22.15 12.45 6.12
C THR G 34 -21.91 11.51 7.30
N GLN G 35 -22.50 10.32 7.20
CA GLN G 35 -22.37 9.33 8.26
C GLN G 35 -20.93 8.88 8.46
N ASP G 36 -20.02 9.14 7.51
CA ASP G 36 -18.61 8.86 7.79
C ASP G 36 -18.09 9.64 8.99
N ASP G 37 -18.74 10.77 9.34
CA ASP G 37 -18.33 11.53 10.51
C ASP G 37 -18.68 10.80 11.80
N GLU G 38 -19.50 9.75 11.71
CA GLU G 38 -19.89 8.98 12.87
C GLU G 38 -19.24 7.61 12.90
N MET G 39 -18.23 7.38 12.05
CA MET G 39 -17.43 6.17 12.04
C MET G 39 -15.94 6.46 12.13
N CYS G 40 -15.20 5.53 12.72
CA CYS G 40 -13.79 5.76 12.92
C CYS G 40 -13.10 4.42 13.08
N VAL G 41 -11.89 4.32 12.55
CA VAL G 41 -11.00 3.19 12.77
C VAL G 41 -9.81 3.70 13.58
N LYS G 42 -9.51 3.00 14.66
CA LYS G 42 -8.37 3.29 15.52
C LYS G 42 -7.31 2.22 15.33
N VAL G 43 -6.06 2.62 15.19
CA VAL G 43 -4.95 1.68 15.01
C VAL G 43 -3.85 2.06 16.00
N GLN G 44 -3.43 1.08 16.80
N GLN G 44 -3.42 1.07 16.79
CA GLN G 44 -2.33 1.27 17.74
CA GLN G 44 -2.36 1.26 17.77
C GLN G 44 -1.44 0.03 17.71
C GLN G 44 -1.47 0.03 17.75
N TYR G 45 -0.15 0.24 17.97
N TYR G 45 -0.16 0.22 17.85
CA TYR G 45 0.88 -0.81 17.97
CA TYR G 45 0.79 -0.89 17.95
C TYR G 45 1.29 -0.98 19.43
C TYR G 45 1.18 -1.03 19.41
N GLU G 46 0.94 -2.13 20.01
N GLU G 46 0.85 -2.17 20.01
CA GLU G 46 1.25 -2.36 21.41
CA GLU G 46 1.10 -2.44 21.42
C GLU G 46 1.69 -3.81 21.61
C GLU G 46 1.71 -3.83 21.58
N LYS G 47 2.44 -4.02 22.68
CA LYS G 47 2.93 -5.36 23.04
C LYS G 47 1.73 -6.23 23.36
N ILE G 48 1.70 -7.42 22.78
CA ILE G 48 0.58 -8.35 23.01
C ILE G 48 0.94 -9.22 24.19
N ALA G 49 0.09 -9.19 25.23
CA ALA G 49 0.38 -9.90 26.46
C ALA G 49 0.16 -11.39 26.29
N ALA G 50 0.99 -12.18 26.97
CA ALA G 50 0.77 -13.61 27.15
C ALA G 50 0.12 -13.79 28.51
N CYS G 51 -1.13 -14.26 28.50
CA CYS G 51 -1.97 -14.27 29.70
C CYS G 51 -2.03 -15.67 30.30
N GLU G 52 -1.57 -15.79 31.55
CA GLU G 52 -1.53 -17.06 32.25
C GLU G 52 -2.92 -17.60 32.53
N ASP G 53 -3.91 -16.72 32.75
CA ASP G 53 -5.27 -17.19 32.98
C ASP G 53 -5.89 -17.74 31.71
N THR G 54 -5.65 -17.07 30.56
CA THR G 54 -6.13 -17.61 29.31
C THR G 54 -5.51 -18.97 29.05
N ALA G 55 -4.22 -19.11 29.33
CA ALA G 55 -3.56 -20.40 29.10
C ALA G 55 -4.18 -21.48 29.96
N PHE G 56 -4.55 -21.13 31.19
CA PHE G 56 -5.10 -22.14 32.09
C PHE G 56 -6.49 -22.57 31.65
N ILE G 57 -7.37 -21.62 31.30
CA ILE G 57 -8.72 -21.98 30.88
C ILE G 57 -8.69 -22.74 29.56
N VAL G 58 -7.78 -22.36 28.66
CA VAL G 58 -7.67 -23.06 27.39
C VAL G 58 -7.18 -24.49 27.62
N LEU G 59 -6.16 -24.66 28.48
CA LEU G 59 -5.74 -26.02 28.80
C LEU G 59 -6.91 -26.84 29.35
N LYS G 60 -7.70 -26.26 30.24
CA LYS G 60 -8.84 -27.00 30.78
C LYS G 60 -9.82 -27.38 29.67
N GLU G 61 -10.10 -26.46 28.73
CA GLU G 61 -10.96 -26.83 27.60
C GLU G 61 -10.38 -28.00 26.85
N CYS G 62 -9.08 -27.94 26.58
CA CYS G 62 -8.42 -28.97 25.76
C CYS G 62 -8.50 -30.32 26.43
N LEU G 63 -8.26 -30.35 27.74
CA LEU G 63 -8.22 -31.63 28.46
C LEU G 63 -9.54 -32.37 28.40
N SER G 64 -10.65 -31.65 28.25
CA SER G 64 -11.96 -32.27 28.15
C SER G 64 -12.38 -32.55 26.72
N GLU G 65 -11.47 -32.41 25.74
CA GLU G 65 -11.88 -32.62 24.35
C GLU G 65 -10.78 -33.26 23.51
N MET G 66 -9.89 -34.03 24.14
CA MET G 66 -8.78 -34.63 23.41
C MET G 66 -9.24 -35.75 22.49
N LYS G 67 -8.74 -35.72 21.26
CA LYS G 67 -9.13 -36.71 20.26
C LYS G 67 -8.10 -37.83 20.28
N SER G 68 -8.58 -39.05 20.15
CA SER G 68 -7.69 -40.18 19.92
C SER G 68 -8.45 -41.13 19.02
N ALA H 16 -1.83 6.13 19.07
CA ALA H 16 -2.95 5.66 18.25
C ALA H 16 -3.20 6.61 17.10
N ALA H 17 -3.58 6.07 15.97
CA ALA H 17 -4.05 6.83 14.83
C ALA H 17 -5.56 6.67 14.75
N TYR H 18 -6.25 7.74 14.40
CA TYR H 18 -7.71 7.73 14.29
C TYR H 18 -8.08 8.12 12.88
N VAL H 19 -8.81 7.25 12.19
CA VAL H 19 -9.23 7.46 10.80
C VAL H 19 -10.75 7.51 10.78
N GLY H 20 -11.30 8.72 10.79
CA GLY H 20 -12.74 8.90 10.74
C GLY H 20 -13.07 9.97 9.73
N GLY H 21 -14.37 10.31 9.66
CA GLY H 21 -14.75 11.46 8.85
C GLY H 21 -14.17 11.41 7.44
N ALA H 22 -13.62 12.54 6.99
CA ALA H 22 -13.11 12.61 5.63
C ALA H 22 -11.90 11.69 5.40
N ASP H 23 -11.05 11.49 6.42
CA ASP H 23 -9.93 10.57 6.24
C ASP H 23 -10.44 9.14 5.98
N LEU H 24 -11.50 8.74 6.69
CA LEU H 24 -12.11 7.44 6.49
C LEU H 24 -12.77 7.34 5.12
N GLN H 25 -13.48 8.39 4.73
N GLN H 25 -13.51 8.37 4.74
CA GLN H 25 -14.08 8.40 3.40
CA GLN H 25 -14.06 8.40 3.39
C GLN H 25 -13.01 8.27 2.32
C GLN H 25 -12.97 8.19 2.35
N ALA H 26 -11.83 8.86 2.54
CA ALA H 26 -10.74 8.77 1.58
C ALA H 26 -10.12 7.38 1.61
N LEU H 27 -9.89 6.83 2.80
CA LEU H 27 -9.34 5.49 2.91
C LEU H 27 -10.19 4.50 2.09
N LYS H 28 -11.51 4.61 2.21
CA LYS H 28 -12.42 3.70 1.51
C LYS H 28 -12.46 3.94 0.00
N LYS H 29 -11.87 5.01 -0.51
CA LYS H 29 -11.64 5.16 -1.93
C LYS H 29 -10.30 4.58 -2.36
N PHE H 30 -9.39 4.37 -1.42
CA PHE H 30 -8.03 3.94 -1.74
C PHE H 30 -7.82 2.44 -1.57
N VAL H 31 -8.77 1.75 -0.95
CA VAL H 31 -8.80 0.30 -0.86
C VAL H 31 -10.07 -0.17 -1.55
N SER H 32 -10.02 -1.37 -2.10
CA SER H 32 -11.21 -1.90 -2.77
C SER H 32 -12.28 -2.28 -1.74
N GLU H 33 -13.54 -2.12 -2.15
CA GLU H 33 -14.69 -2.53 -1.35
C GLU H 33 -14.61 -2.00 0.07
N GLY H 34 -14.40 -0.69 0.18
CA GLY H 34 -14.02 -0.10 1.46
C GLY H 34 -14.97 -0.40 2.61
N ASN H 35 -16.28 -0.29 2.37
CA ASN H 35 -17.21 -0.48 3.48
C ASN H 35 -17.20 -1.93 3.94
N LYS H 36 -17.30 -2.87 2.99
CA LYS H 36 -17.21 -4.30 3.34
C LYS H 36 -15.89 -4.62 4.01
N ARG H 37 -14.81 -3.96 3.58
CA ARG H 37 -13.50 -4.20 4.17
C ARG H 37 -13.46 -3.80 5.64
N MET H 38 -13.98 -2.62 5.99
CA MET H 38 -14.05 -2.25 7.39
C MET H 38 -14.88 -3.24 8.19
N ASP H 39 -15.99 -3.72 7.60
CA ASP H 39 -16.80 -4.73 8.28
C ASP H 39 -16.01 -6.01 8.53
N SER H 40 -15.21 -6.46 7.54
N SER H 40 -15.25 -6.47 7.52
CA SER H 40 -14.47 -7.70 7.73
CA SER H 40 -14.45 -7.67 7.70
C SER H 40 -13.41 -7.56 8.81
C SER H 40 -13.49 -7.52 8.87
N VAL H 41 -12.77 -6.39 8.90
CA VAL H 41 -11.82 -6.16 9.98
C VAL H 41 -12.54 -6.16 11.31
N ASN H 42 -13.68 -5.48 11.37
CA ASN H 42 -14.47 -5.45 12.60
C ASN H 42 -14.84 -6.86 13.06
N ALA H 43 -15.27 -7.71 12.12
CA ALA H 43 -15.63 -9.09 12.48
C ALA H 43 -14.46 -9.84 13.12
N ILE H 44 -13.26 -9.63 12.59
CA ILE H 44 -12.07 -10.31 13.11
C ILE H 44 -11.73 -9.83 14.52
N VAL H 45 -11.55 -8.51 14.67
CA VAL H 45 -11.07 -7.98 15.94
C VAL H 45 -12.10 -8.17 17.04
N SER H 46 -13.39 -8.11 16.70
CA SER H 46 -14.43 -8.26 17.71
C SER H 46 -14.63 -9.69 18.16
N ASN H 47 -14.01 -10.65 17.48
CA ASN H 47 -14.11 -12.05 17.84
C ASN H 47 -12.73 -12.67 18.09
N ALA H 48 -11.74 -11.83 18.35
CA ALA H 48 -10.35 -12.28 18.37
C ALA H 48 -10.10 -13.38 19.38
N SER H 49 -10.57 -13.21 20.61
CA SER H 49 -10.24 -14.19 21.64
C SER H 49 -10.74 -15.58 21.28
N CYS H 50 -11.95 -15.69 20.73
CA CYS H 50 -12.44 -17.01 20.34
C CYS H 50 -11.66 -17.53 19.12
N ILE H 51 -11.40 -16.68 18.13
CA ILE H 51 -10.62 -17.13 16.98
C ILE H 51 -9.28 -17.71 17.44
N VAL H 52 -8.62 -17.02 18.36
CA VAL H 52 -7.34 -17.48 18.87
C VAL H 52 -7.47 -18.79 19.63
N SER H 53 -8.41 -18.86 20.58
CA SER H 53 -8.49 -20.05 21.42
C SER H 53 -8.97 -21.27 20.64
N ASP H 54 -9.90 -21.06 19.70
CA ASP H 54 -10.38 -22.18 18.89
C ASP H 54 -9.27 -22.74 18.02
N SER H 55 -8.43 -21.87 17.47
CA SER H 55 -7.36 -22.31 16.58
C SER H 55 -6.29 -23.06 17.34
N VAL H 56 -5.87 -22.53 18.47
CA VAL H 56 -4.83 -23.21 19.24
C VAL H 56 -5.37 -24.47 19.87
N SER H 57 -6.57 -24.41 20.45
CA SER H 57 -7.10 -25.61 21.08
C SER H 57 -7.46 -26.67 20.06
N GLY H 58 -7.73 -26.26 18.80
CA GLY H 58 -7.97 -27.25 17.76
C GLY H 58 -6.70 -27.95 17.36
N MET H 59 -5.60 -27.20 17.27
CA MET H 59 -4.30 -27.82 17.13
C MET H 59 -4.07 -28.85 18.22
N VAL H 60 -4.39 -28.49 19.46
CA VAL H 60 -4.13 -29.41 20.58
C VAL H 60 -5.07 -30.61 20.55
N CYS H 61 -6.36 -30.38 20.37
CA CYS H 61 -7.28 -31.51 20.50
C CYS H 61 -6.98 -32.56 19.44
N GLU H 62 -6.47 -32.13 18.30
CA GLU H 62 -6.11 -33.06 17.23
C GLU H 62 -4.77 -33.71 17.47
N ASN H 63 -3.92 -33.09 18.29
CA ASN H 63 -2.62 -33.66 18.63
C ASN H 63 -2.37 -33.46 20.12
N PRO H 64 -3.00 -34.28 20.95
CA PRO H 64 -2.91 -34.08 22.41
C PRO H 64 -1.52 -34.21 22.99
N SER H 65 -0.58 -34.84 22.30
CA SER H 65 0.79 -34.90 22.83
C SER H 65 1.37 -33.51 23.02
N LEU H 66 0.78 -32.48 22.40
CA LEU H 66 1.23 -31.11 22.58
C LEU H 66 1.05 -30.64 24.02
N ILE H 67 0.09 -31.21 24.74
CA ILE H 67 -0.10 -30.89 26.15
C ILE H 67 0.28 -32.06 27.05
N ALA H 68 1.04 -33.01 26.53
CA ALA H 68 1.69 -34.01 27.36
C ALA H 68 3.06 -33.50 27.77
N PRO H 69 3.69 -34.12 28.74
CA PRO H 69 5.04 -33.69 29.13
C PRO H 69 5.98 -33.64 27.94
N ASN H 70 6.73 -32.55 27.85
CA ASN H 70 7.67 -32.25 26.79
C ASN H 70 6.98 -31.79 25.51
N GLY H 71 5.65 -31.63 25.53
CA GLY H 71 4.96 -31.13 24.36
C GLY H 71 5.08 -29.63 24.20
N GLY H 72 4.77 -29.18 22.99
CA GLY H 72 5.02 -27.79 22.63
C GLY H 72 4.35 -26.76 23.53
N VAL H 73 3.19 -27.07 24.08
CA VAL H 73 2.46 -26.13 24.93
C VAL H 73 2.08 -26.76 26.26
N TYR H 74 2.94 -27.63 26.77
CA TYR H 74 2.62 -28.42 27.95
C TYR H 74 2.42 -27.54 29.17
N THR H 75 3.27 -26.55 29.36
CA THR H 75 3.19 -25.73 30.55
C THR H 75 2.34 -24.49 30.30
N ASN H 76 1.94 -23.86 31.40
CA ASN H 76 1.17 -22.63 31.30
C ASN H 76 1.95 -21.56 30.57
N ARG H 77 3.27 -21.48 30.82
CA ARG H 77 4.08 -20.47 30.15
C ARG H 77 4.08 -20.68 28.64
N LYS H 78 4.27 -21.94 28.21
CA LYS H 78 4.30 -22.21 26.78
C LYS H 78 2.93 -21.97 26.14
N MET H 79 1.87 -22.49 26.75
CA MET H 79 0.53 -22.27 26.19
C MET H 79 0.25 -20.78 26.07
N ALA H 80 0.63 -19.99 27.08
CA ALA H 80 0.34 -18.57 27.04
C ALA H 80 1.12 -17.89 25.92
N ALA H 81 2.38 -18.28 25.74
CA ALA H 81 3.17 -17.73 24.65
C ALA H 81 2.59 -18.10 23.30
N CYS H 82 2.11 -19.33 23.16
CA CYS H 82 1.51 -19.76 21.90
C CYS H 82 0.23 -18.99 21.60
N LEU H 83 -0.66 -18.86 22.59
CA LEU H 83 -1.87 -18.06 22.39
C LEU H 83 -1.51 -16.63 22.00
N ARG H 84 -0.49 -16.07 22.65
CA ARG H 84 -0.02 -14.72 22.31
C ARG H 84 0.42 -14.65 20.86
N ASP H 85 1.25 -15.60 20.42
CA ASP H 85 1.75 -15.58 19.05
C ASP H 85 0.61 -15.74 18.05
N ALA H 86 -0.35 -16.60 18.34
CA ALA H 86 -1.50 -16.75 17.46
C ALA H 86 -2.24 -15.43 17.34
N GLU H 87 -2.39 -14.71 18.47
CA GLU H 87 -3.04 -13.41 18.42
C GLU H 87 -2.22 -12.45 17.59
N ILE H 88 -0.90 -12.47 17.76
CA ILE H 88 -0.05 -11.57 16.98
C ILE H 88 -0.26 -11.79 15.49
N ILE H 89 -0.26 -13.05 15.06
CA ILE H 89 -0.45 -13.35 13.64
C ILE H 89 -1.82 -12.86 13.17
N LEU H 90 -2.86 -13.16 13.94
CA LEU H 90 -4.20 -12.69 13.61
C LEU H 90 -4.24 -11.18 13.45
N ARG H 91 -3.55 -10.44 14.33
CA ARG H 91 -3.61 -8.99 14.27
C ARG H 91 -2.90 -8.44 13.05
N TYR H 92 -1.74 -9.01 12.70
CA TYR H 92 -1.08 -8.60 11.46
C TYR H 92 -1.90 -8.94 10.24
N VAL H 93 -2.62 -10.07 10.27
CA VAL H 93 -3.52 -10.37 9.16
C VAL H 93 -4.66 -9.35 9.12
N SER H 94 -5.20 -8.98 10.28
CA SER H 94 -6.28 -7.99 10.28
C SER H 94 -5.82 -6.66 9.70
N TYR H 95 -4.56 -6.29 9.98
CA TYR H 95 -4.02 -5.05 9.46
C TYR H 95 -3.77 -5.14 7.97
N SER H 96 -3.40 -6.32 7.48
CA SER H 96 -3.25 -6.50 6.04
C SER H 96 -4.60 -6.33 5.35
N LEU H 97 -5.66 -6.83 5.97
CA LEU H 97 -6.98 -6.65 5.39
C LEU H 97 -7.42 -5.20 5.49
N LEU H 98 -7.11 -4.51 6.57
CA LEU H 98 -7.46 -3.11 6.66
C LEU H 98 -6.77 -2.30 5.58
N SER H 99 -5.47 -2.55 5.38
N SER H 99 -5.49 -2.55 5.35
CA SER H 99 -4.65 -1.76 4.47
CA SER H 99 -4.69 -1.74 4.45
C SER H 99 -4.73 -2.23 3.02
C SER H 99 -4.62 -2.28 3.03
N GLY H 100 -5.15 -3.47 2.79
CA GLY H 100 -5.14 -4.02 1.45
C GLY H 100 -3.82 -4.49 0.94
N ASP H 101 -2.85 -4.75 1.83
CA ASP H 101 -1.56 -5.28 1.41
C ASP H 101 -0.90 -5.98 2.59
N SER H 102 0.09 -6.81 2.27
CA SER H 102 0.73 -7.67 3.25
C SER H 102 2.16 -7.26 3.58
N SER H 103 2.59 -6.06 3.19
CA SER H 103 3.97 -5.65 3.39
C SER H 103 4.36 -5.66 4.86
N VAL H 104 3.50 -5.12 5.72
CA VAL H 104 3.82 -5.07 7.14
C VAL H 104 3.79 -6.46 7.75
N LEU H 105 2.83 -7.28 7.34
CA LEU H 105 2.80 -8.65 7.81
C LEU H 105 4.12 -9.34 7.50
N GLU H 106 4.58 -9.22 6.26
CA GLU H 106 5.81 -9.91 5.86
C GLU H 106 7.05 -9.30 6.50
N ASP H 107 7.13 -7.98 6.57
CA ASP H 107 8.33 -7.33 7.10
C ASP H 107 8.45 -7.51 8.61
N ARG H 108 7.38 -7.18 9.36
CA ARG H 108 7.47 -7.04 10.81
C ARG H 108 7.01 -8.27 11.59
N CYS H 109 6.38 -9.23 10.93
CA CYS H 109 5.88 -10.42 11.62
C CYS H 109 6.53 -11.69 11.13
N LEU H 110 6.61 -11.91 9.82
CA LEU H 110 7.02 -13.20 9.30
C LEU H 110 8.53 -13.31 9.06
N ASN H 111 9.19 -12.23 8.68
CA ASN H 111 10.60 -12.33 8.34
C ASN H 111 11.44 -12.77 9.54
N GLY H 112 12.03 -13.97 9.46
CA GLY H 112 12.83 -14.51 10.54
C GLY H 112 12.06 -15.30 11.58
N LEU H 113 10.73 -15.35 11.48
CA LEU H 113 9.95 -16.05 12.50
C LEU H 113 10.16 -17.57 12.43
N LYS H 114 10.29 -18.12 11.23
CA LYS H 114 10.59 -19.55 11.10
C LYS H 114 11.87 -19.90 11.84
N GLU H 115 12.90 -19.07 11.68
CA GLU H 115 14.17 -19.32 12.36
C GLU H 115 14.01 -19.20 13.87
N THR H 116 13.28 -18.18 14.34
CA THR H 116 13.00 -18.06 15.76
C THR H 116 12.35 -19.33 16.30
N TYR H 117 11.32 -19.83 15.62
CA TYR H 117 10.65 -21.02 16.11
C TYR H 117 11.56 -22.24 16.03
N ALA H 118 12.38 -22.31 14.99
CA ALA H 118 13.29 -23.45 14.85
C ALA H 118 14.28 -23.48 16.01
N SER H 119 14.79 -22.32 16.41
CA SER H 119 15.73 -22.26 17.52
C SER H 119 15.05 -22.51 18.85
N LEU H 120 13.75 -22.29 18.93
CA LEU H 120 13.00 -22.54 20.15
C LEU H 120 12.45 -23.96 20.24
N GLY H 121 12.47 -24.72 19.14
CA GLY H 121 11.84 -26.02 19.12
C GLY H 121 10.33 -26.00 18.99
N VAL H 122 9.75 -24.92 18.48
CA VAL H 122 8.31 -24.85 18.30
C VAL H 122 7.92 -25.69 17.09
N PRO H 123 7.00 -26.65 17.23
CA PRO H 123 6.73 -27.56 16.09
C PRO H 123 6.00 -26.87 14.94
N ALA H 124 6.59 -26.99 13.74
CA ALA H 124 6.00 -26.39 12.55
C ALA H 124 4.63 -26.98 12.22
N ALA H 125 4.45 -28.27 12.47
CA ALA H 125 3.17 -28.91 12.16
C ALA H 125 2.07 -28.33 13.03
N GLY H 126 2.37 -28.05 14.30
CA GLY H 126 1.40 -27.40 15.15
C GLY H 126 1.06 -26.00 14.64
N ASN H 127 2.08 -25.22 14.34
CA ASN H 127 1.85 -23.90 13.75
C ASN H 127 1.00 -24.02 12.50
N ALA H 128 1.31 -24.99 11.64
CA ALA H 128 0.55 -25.15 10.40
C ALA H 128 -0.93 -25.35 10.71
N ARG H 129 -1.24 -26.17 11.70
CA ARG H 129 -2.66 -26.44 11.98
C ARG H 129 -3.34 -25.28 12.66
N THR H 130 -2.66 -24.60 13.59
CA THR H 130 -3.25 -23.39 14.14
C THR H 130 -3.60 -22.41 13.03
N ILE H 131 -2.71 -22.25 12.05
CA ILE H 131 -2.96 -21.30 10.98
C ILE H 131 -4.10 -21.76 10.07
N SER H 132 -4.16 -23.05 9.74
CA SER H 132 -5.22 -23.50 8.84
C SER H 132 -6.60 -23.37 9.51
N ILE H 133 -6.70 -23.65 10.81
CA ILE H 133 -7.97 -23.44 11.51
C ILE H 133 -8.31 -21.96 11.55
N MET H 134 -7.31 -21.12 11.87
CA MET H 134 -7.55 -19.69 11.95
C MET H 134 -8.00 -19.14 10.60
N LYS H 135 -7.37 -19.61 9.52
CA LYS H 135 -7.77 -19.18 8.18
C LYS H 135 -9.22 -19.56 7.91
N ALA H 136 -9.57 -20.82 8.19
CA ALA H 136 -10.93 -21.28 7.94
C ALA H 136 -11.92 -20.48 8.78
N THR H 137 -11.55 -20.21 10.03
CA THR H 137 -12.42 -19.45 10.93
C THR H 137 -12.66 -18.05 10.41
N VAL H 138 -11.58 -17.33 10.08
CA VAL H 138 -11.74 -15.96 9.59
C VAL H 138 -12.52 -15.95 8.28
N ILE H 139 -12.23 -16.88 7.37
CA ILE H 139 -13.02 -16.96 6.14
C ILE H 139 -14.50 -17.15 6.47
N GLY H 140 -14.79 -17.98 7.47
CA GLY H 140 -16.20 -18.19 7.83
C GLY H 140 -16.89 -16.93 8.32
N PHE H 141 -16.15 -16.08 9.04
CA PHE H 141 -16.70 -14.81 9.49
C PHE H 141 -17.00 -13.88 8.31
N ILE H 142 -16.25 -14.02 7.21
CA ILE H 142 -16.42 -13.15 6.06
C ILE H 142 -17.44 -13.70 5.06
N THR H 143 -17.48 -15.01 4.84
CA THR H 143 -18.45 -15.62 3.95
C THR H 143 -19.78 -15.90 4.62
N ASN H 144 -19.90 -15.61 5.91
CA ASN H 144 -21.10 -15.82 6.71
C ASN H 144 -22.35 -15.49 5.91
N ASN H 145 -23.21 -16.49 5.70
CA ASN H 145 -24.47 -16.32 4.97
C ASN H 145 -25.69 -16.54 5.87
N SER H 146 -25.56 -16.21 7.16
CA SER H 146 -26.67 -16.24 8.07
C SER H 146 -27.81 -15.36 7.57
N GLN H 147 -29.04 -15.72 7.97
CA GLN H 147 -30.17 -14.85 7.71
C GLN H 147 -29.89 -13.47 8.30
N GLN H 148 -30.52 -12.45 7.71
CA GLN H 148 -30.20 -11.08 8.07
C GLN H 148 -30.50 -10.78 9.53
N LYS H 149 -31.59 -11.34 10.06
CA LYS H 149 -31.91 -11.14 11.47
C LYS H 149 -30.83 -11.68 12.41
N LYS H 150 -29.95 -12.55 11.93
CA LYS H 150 -28.89 -13.11 12.76
C LYS H 150 -27.52 -12.74 12.21
N LEU H 151 -27.42 -11.55 11.60
CA LEU H 151 -26.20 -11.08 10.96
C LEU H 151 -25.99 -9.63 11.37
N SER H 152 -24.72 -9.28 11.67
CA SER H 152 -24.43 -7.94 12.19
C SER H 152 -24.29 -6.89 11.10
N THR H 153 -24.13 -7.31 9.84
CA THR H 153 -23.93 -6.43 8.70
C THR H 153 -25.04 -6.63 7.68
N PRO H 154 -25.16 -5.73 6.71
CA PRO H 154 -26.11 -5.96 5.61
C PRO H 154 -25.70 -7.19 4.83
N ALA H 155 -26.68 -8.05 4.53
CA ALA H 155 -26.37 -9.31 3.88
C ALA H 155 -25.84 -9.07 2.47
N GLY H 156 -24.77 -9.79 2.12
CA GLY H 156 -24.26 -9.71 0.77
C GLY H 156 -23.09 -10.64 0.57
N ASP H 157 -22.32 -10.37 -0.48
CA ASP H 157 -21.26 -11.25 -0.96
C ASP H 157 -19.92 -10.59 -0.66
N CYS H 158 -19.19 -11.15 0.31
CA CYS H 158 -17.84 -10.72 0.63
C CYS H 158 -16.78 -11.72 0.17
N SER H 159 -17.07 -12.47 -0.90
N SER H 159 -17.08 -12.47 -0.89
CA SER H 159 -16.20 -13.55 -1.31
CA SER H 159 -16.19 -13.56 -1.29
C SER H 159 -14.82 -13.03 -1.72
C SER H 159 -14.82 -13.02 -1.72
N ALA H 160 -14.77 -11.86 -2.38
CA ALA H 160 -13.48 -11.30 -2.77
C ALA H 160 -12.61 -11.00 -1.55
N LEU H 161 -13.19 -10.44 -0.50
CA LEU H 161 -12.40 -10.17 0.69
C LEU H 161 -11.97 -11.47 1.37
N ALA H 162 -12.85 -12.48 1.35
CA ALA H 162 -12.49 -13.79 1.90
C ALA H 162 -11.29 -14.37 1.17
N SER H 163 -11.31 -14.31 -0.17
CA SER H 163 -10.18 -14.79 -0.94
C SER H 163 -8.91 -14.03 -0.60
N GLU H 164 -9.02 -12.71 -0.44
CA GLU H 164 -7.86 -11.87 -0.14
C GLU H 164 -7.25 -12.25 1.22
N VAL H 165 -8.08 -12.37 2.25
CA VAL H 165 -7.55 -12.74 3.57
C VAL H 165 -6.98 -14.15 3.54
N GLY H 166 -7.56 -15.04 2.74
CA GLY H 166 -6.97 -16.36 2.59
C GLY H 166 -5.55 -16.29 2.08
N GLY H 167 -5.30 -15.37 1.14
CA GLY H 167 -3.95 -15.18 0.65
C GLY H 167 -2.98 -14.73 1.72
N TYR H 168 -3.41 -13.83 2.60
CA TYR H 168 -2.56 -13.39 3.70
C TYR H 168 -2.23 -14.53 4.64
N PHE H 169 -3.21 -15.37 4.96
CA PHE H 169 -2.92 -16.56 5.75
C PHE H 169 -1.98 -17.50 5.01
N ASP H 170 -2.12 -17.59 3.70
CA ASP H 170 -1.19 -18.46 2.96
C ASP H 170 0.23 -17.91 2.98
N LYS H 171 0.39 -16.59 3.10
CA LYS H 171 1.75 -16.06 3.26
C LYS H 171 2.33 -16.51 4.60
N VAL H 172 1.52 -16.48 5.66
CA VAL H 172 1.95 -16.95 6.97
C VAL H 172 2.33 -18.43 6.88
N SER H 173 1.44 -19.25 6.31
CA SER H 173 1.70 -20.68 6.23
C SER H 173 2.99 -20.96 5.49
N SER H 174 3.19 -20.27 4.36
CA SER H 174 4.38 -20.50 3.56
C SER H 174 5.63 -20.08 4.32
N ALA H 175 5.53 -19.01 5.10
CA ALA H 175 6.71 -18.50 5.80
C ALA H 175 7.10 -19.42 6.95
N LEU H 176 6.12 -20.04 7.61
CA LEU H 176 6.38 -20.92 8.74
C LEU H 176 6.45 -22.38 8.33
#